data_4PGN
#
_entry.id   4PGN
#
_cell.length_a   50.122
_cell.length_b   144.459
_cell.length_c   95.466
_cell.angle_alpha   90.000
_cell.angle_beta   90.330
_cell.angle_gamma   90.000
#
_symmetry.space_group_name_H-M   'P 1 21 1'
#
loop_
_entity.id
_entity.type
_entity.pdbx_description
1 polymer 'Extracellular solute-binding protein, family 7'
2 non-polymer '3-(1H-INDOL-3-YL)-2-OXOPROPANOIC ACID'
3 non-polymer 1,2-ETHANEDIOL
4 water water
#
_entity_poly.entity_id   1
_entity_poly.type   'polypeptide(L)'
_entity_poly.pdbx_seq_one_letter_code
;MHHHHHHSSGVDLGTENLYFQSMQPVTLNYANFPPASTFPCIQMEQWAHEVRTRTRGKVDVLTYPGGTLLGARNMLRGVM
SGQADIGCISLAYHPGVFPVMSVFELPLGFTSAEAASSVLWELYSGLRPAELERVKVLTMFTSAPSHFMTVTPVRSLRDL
QGMEIRGAGTLSAILEKLGATPVSMPMPEVPEAVQKGIIKGLFTSLDVMKDMNFAEMTGHVTRADQAVYPFAVIMNREAW
ERLSPDVQQVLDGLAAEHAAWTGRYLDAHVQDSMRWAEEKHGVQVHTLPEEDIAAMRRSVQPLFDAWAQRAADKGADPDA
VMRTVDALKAQYGG
;
_entity_poly.pdbx_strand_id   A,B,C,D
#
loop_
_chem_comp.id
_chem_comp.type
_chem_comp.name
_chem_comp.formula
3IO non-polymer '3-(1H-INDOL-3-YL)-2-OXOPROPANOIC ACID' 'C11 H9 N O3'
EDO non-polymer 1,2-ETHANEDIOL 'C2 H6 O2'
#
# COMPACT_ATOMS: atom_id res chain seq x y z
N PRO A 25 -7.24 19.29 35.34
CA PRO A 25 -6.29 18.83 34.32
C PRO A 25 -6.96 18.34 33.05
N VAL A 26 -6.40 18.71 31.91
CA VAL A 26 -6.89 18.20 30.63
C VAL A 26 -5.81 17.31 30.03
N THR A 27 -6.22 16.22 29.36
CA THR A 27 -5.29 15.38 28.63
C THR A 27 -5.60 15.40 27.13
N LEU A 28 -4.58 15.75 26.35
CA LEU A 28 -4.65 15.85 24.91
C LEU A 28 -3.97 14.64 24.23
N ASN A 29 -4.66 14.01 23.31
CA ASN A 29 -4.12 12.88 22.57
C ASN A 29 -3.41 13.40 21.34
N TYR A 30 -2.12 13.11 21.25
CA TYR A 30 -1.25 13.59 20.18
C TYR A 30 -0.89 12.39 19.30
N ALA A 31 -1.43 12.40 18.07
CA ALA A 31 -1.13 11.40 17.05
C ALA A 31 0.12 11.75 16.25
N ASN A 32 0.87 10.74 15.86
CA ASN A 32 1.99 10.92 14.95
C ASN A 32 2.11 9.68 14.08
N PHE A 33 2.81 9.79 12.95
CA PHE A 33 2.77 8.74 11.92
C PHE A 33 4.01 7.83 11.83
N PRO A 34 5.21 8.37 12.05
CA PRO A 34 6.41 7.56 11.85
C PRO A 34 6.83 6.90 13.17
N PRO A 35 7.91 6.10 13.13
CA PRO A 35 8.32 5.38 14.34
C PRO A 35 8.81 6.31 15.44
N ALA A 36 8.72 5.85 16.69
CA ALA A 36 9.14 6.63 17.86
C ALA A 36 10.57 7.13 17.77
N SER A 37 11.43 6.41 17.06
CA SER A 37 12.85 6.76 17.00
C SER A 37 13.11 7.95 16.08
N THR A 38 12.16 8.28 15.22
CA THR A 38 12.42 9.30 14.22
C THR A 38 12.12 10.69 14.73
N PHE A 39 12.70 11.70 14.07
CA PHE A 39 12.68 13.05 14.60
C PHE A 39 11.29 13.69 14.79
N PRO A 40 10.30 13.38 13.94
CA PRO A 40 9.00 13.98 14.26
C PRO A 40 8.39 13.45 15.56
N CYS A 41 8.75 12.24 15.94
CA CYS A 41 8.30 11.70 17.23
C CYS A 41 9.17 12.19 18.41
N ILE A 42 10.48 12.27 18.20
CA ILE A 42 11.36 12.82 19.20
C ILE A 42 10.90 14.24 19.61
N GLN A 43 10.58 15.07 18.63
CA GLN A 43 10.18 16.42 18.94
C GLN A 43 8.85 16.44 19.66
N MET A 44 7.97 15.51 19.32
CA MET A 44 6.65 15.43 19.96
C MET A 44 6.79 15.17 21.48
N GLU A 45 7.72 14.27 21.81
CA GLU A 45 7.98 13.94 23.22
C GLU A 45 8.55 15.13 24.00
N GLN A 46 9.46 15.87 23.35
CA GLN A 46 10.06 17.04 23.95
C GLN A 46 8.99 18.10 24.21
N TRP A 47 8.17 18.36 23.18
CA TRP A 47 7.04 19.30 23.30
C TRP A 47 6.09 18.89 24.44
N ALA A 48 5.72 17.61 24.52
CA ALA A 48 4.84 17.17 25.59
C ALA A 48 5.49 17.46 26.94
N HIS A 49 6.79 17.19 27.07
CA HIS A 49 7.48 17.41 28.34
C HIS A 49 7.38 18.88 28.76
N GLU A 50 7.63 19.77 27.81
CA GLU A 50 7.55 21.21 28.10
C GLU A 50 6.15 21.65 28.46
N VAL A 51 5.14 21.13 27.76
CA VAL A 51 3.75 21.46 28.06
C VAL A 51 3.37 21.07 29.50
N ARG A 52 3.72 19.84 29.91
CA ARG A 52 3.45 19.37 31.26
C ARG A 52 4.12 20.30 32.27
N THR A 53 5.38 20.60 32.00
CA THR A 53 6.17 21.42 32.91
C THR A 53 5.60 22.83 32.99
N ARG A 54 5.46 23.48 31.83
CA ARG A 54 5.05 24.89 31.82
C ARG A 54 3.60 25.15 32.26
N THR A 55 2.70 24.18 32.12
CA THR A 55 1.34 24.33 32.62
C THR A 55 1.22 23.80 34.05
N ARG A 56 2.36 23.47 34.66
CA ARG A 56 2.37 22.93 36.02
C ARG A 56 1.40 21.77 36.20
N GLY A 57 1.35 20.89 35.22
CA GLY A 57 0.52 19.69 35.32
C GLY A 57 -0.94 19.91 34.95
N LYS A 58 -1.30 21.12 34.54
CA LYS A 58 -2.68 21.41 34.15
C LYS A 58 -3.04 20.76 32.82
N VAL A 59 -2.05 20.63 31.93
CA VAL A 59 -2.25 19.97 30.66
C VAL A 59 -1.29 18.77 30.55
N ASP A 60 -1.84 17.60 30.21
CA ASP A 60 -1.03 16.41 29.93
C ASP A 60 -1.22 16.05 28.46
N VAL A 61 -0.28 15.27 27.94
CA VAL A 61 -0.29 14.84 26.55
C VAL A 61 -0.06 13.33 26.55
N LEU A 62 -0.95 12.61 25.88
CA LEU A 62 -0.80 11.18 25.66
C LEU A 62 -0.41 11.01 24.18
N THR A 63 0.79 10.49 23.95
CA THR A 63 1.32 10.38 22.59
C THR A 63 1.10 9.01 21.95
N TYR A 64 0.92 9.02 20.63
CA TYR A 64 0.63 7.81 19.84
C TYR A 64 1.60 7.73 18.65
N PRO A 65 2.86 7.37 18.91
CA PRO A 65 3.78 7.26 17.77
C PRO A 65 3.44 6.09 16.90
N GLY A 66 3.97 6.06 15.67
CA GLY A 66 3.90 4.92 14.82
C GLY A 66 2.53 4.64 14.24
N GLY A 67 1.69 5.68 14.19
CA GLY A 67 0.42 5.61 13.47
C GLY A 67 -0.69 4.80 14.10
N THR A 68 -0.59 4.57 15.40
CA THR A 68 -1.57 3.75 16.11
C THR A 68 -2.90 4.45 16.35
N LEU A 69 -2.92 5.77 16.29
CA LEU A 69 -4.20 6.50 16.42
C LEU A 69 -4.61 7.07 15.07
N LEU A 70 -3.74 7.89 14.50
CA LEU A 70 -3.88 8.34 13.11
C LEU A 70 -2.57 8.11 12.38
N GLY A 71 -2.70 7.77 11.09
CA GLY A 71 -1.58 7.55 10.19
C GLY A 71 -1.30 8.77 9.30
N ALA A 72 -0.41 8.60 8.35
CA ALA A 72 0.08 9.77 7.60
C ALA A 72 -1.02 10.41 6.75
N ARG A 73 -1.90 9.58 6.20
CA ARG A 73 -2.91 10.04 5.25
C ARG A 73 -4.13 10.68 5.91
N ASN A 74 -4.57 10.08 7.01
CA ASN A 74 -5.79 10.54 7.65
C ASN A 74 -5.48 11.48 8.82
N MET A 75 -4.23 11.93 8.90
CA MET A 75 -3.82 12.76 10.04
C MET A 75 -4.61 14.07 10.10
N LEU A 76 -4.64 14.77 8.97
CA LEU A 76 -5.30 16.06 8.86
C LEU A 76 -6.79 15.93 9.11
N ARG A 77 -7.44 14.99 8.43
CA ARG A 77 -8.89 14.84 8.62
C ARG A 77 -9.24 14.30 10.00
N GLY A 78 -8.34 13.51 10.58
CA GLY A 78 -8.62 12.89 11.87
C GLY A 78 -8.47 13.86 13.02
N VAL A 79 -7.56 14.81 12.86
CA VAL A 79 -7.46 15.90 13.82
C VAL A 79 -8.69 16.80 13.67
N MET A 80 -9.11 17.08 12.44
CA MET A 80 -10.26 17.97 12.21
C MET A 80 -11.58 17.37 12.71
N SER A 81 -11.70 16.05 12.67
CA SER A 81 -12.92 15.39 13.16
C SER A 81 -12.83 15.14 14.65
N GLY A 82 -11.64 15.38 15.21
CA GLY A 82 -11.43 15.24 16.65
C GLY A 82 -11.12 13.83 17.10
N GLN A 83 -10.76 12.95 16.17
CA GLN A 83 -10.35 11.60 16.51
C GLN A 83 -9.05 11.68 17.32
N ALA A 84 -8.30 12.74 17.10
CA ALA A 84 -7.13 13.06 17.90
C ALA A 84 -7.21 14.54 18.21
N ASP A 85 -6.64 14.96 19.34
CA ASP A 85 -6.62 16.39 19.63
C ASP A 85 -5.52 17.11 18.87
N ILE A 86 -4.37 16.46 18.78
CA ILE A 86 -3.19 17.02 18.15
C ILE A 86 -2.59 15.99 17.19
N GLY A 87 -1.93 16.50 16.15
CA GLY A 87 -1.28 15.65 15.17
C GLY A 87 -0.13 16.37 14.50
N CYS A 88 0.66 15.60 13.76
CA CYS A 88 1.85 16.10 13.11
C CYS A 88 1.70 15.75 11.64
N ILE A 89 1.68 16.75 10.77
CA ILE A 89 1.51 16.48 9.35
C ILE A 89 2.77 16.90 8.58
N SER A 90 3.11 16.08 7.59
CA SER A 90 4.09 16.45 6.58
C SER A 90 3.36 17.14 5.44
N LEU A 91 3.61 18.43 5.23
CA LEU A 91 2.81 19.17 4.26
C LEU A 91 2.86 18.60 2.84
N ALA A 92 3.98 18.00 2.49
CA ALA A 92 4.17 17.46 1.16
C ALA A 92 3.23 16.31 0.85
N TYR A 93 2.65 15.71 1.88
CA TYR A 93 1.75 14.58 1.69
C TYR A 93 0.37 15.03 1.18
N HIS A 94 0.14 16.34 1.15
CA HIS A 94 -1.18 16.91 0.85
C HIS A 94 -1.16 17.86 -0.35
N PRO A 95 -0.95 17.32 -1.56
CA PRO A 95 -0.93 18.16 -2.77
C PRO A 95 -2.16 19.07 -2.86
N GLY A 96 -1.94 20.29 -3.36
CA GLY A 96 -3.04 21.19 -3.60
C GLY A 96 -3.60 21.86 -2.37
N VAL A 97 -3.28 21.35 -1.19
CA VAL A 97 -3.96 21.78 0.01
C VAL A 97 -3.34 23.02 0.66
N PHE A 98 -2.04 23.21 0.47
CA PHE A 98 -1.30 24.28 1.13
C PHE A 98 -0.55 25.14 0.07
N PRO A 99 -1.30 25.93 -0.69
CA PRO A 99 -0.67 26.72 -1.76
C PRO A 99 0.40 27.68 -1.26
N VAL A 100 0.23 28.28 -0.09
CA VAL A 100 1.25 29.18 0.42
C VAL A 100 2.41 28.48 1.14
N MET A 101 2.11 27.65 2.13
CA MET A 101 3.19 27.06 2.92
C MET A 101 4.02 26.04 2.14
N SER A 102 3.49 25.52 1.03
CA SER A 102 4.26 24.65 0.15
C SER A 102 5.46 25.34 -0.52
N VAL A 103 5.59 26.66 -0.37
CA VAL A 103 6.79 27.34 -0.83
C VAL A 103 8.02 26.72 -0.19
N PHE A 104 7.85 26.19 1.03
CA PHE A 104 8.95 25.60 1.76
C PHE A 104 9.36 24.19 1.30
N GLU A 105 8.74 23.70 0.22
CA GLU A 105 9.17 22.48 -0.43
C GLU A 105 10.03 22.75 -1.66
N LEU A 106 10.20 24.04 -1.98
CA LEU A 106 11.10 24.50 -3.03
C LEU A 106 12.52 24.61 -2.47
N PRO A 107 13.55 24.60 -3.33
CA PRO A 107 14.89 24.81 -2.80
C PRO A 107 15.18 26.28 -2.45
N LEU A 108 15.17 26.59 -1.15
CA LEU A 108 15.20 27.97 -0.67
C LEU A 108 16.56 28.26 -0.07
N GLY A 109 17.50 27.36 -0.32
CA GLY A 109 18.89 27.57 0.04
C GLY A 109 19.32 27.21 1.44
N PHE A 110 18.40 26.69 2.26
CA PHE A 110 18.74 26.36 3.63
C PHE A 110 19.76 25.21 3.71
N THR A 111 20.72 25.36 4.60
CA THR A 111 21.72 24.34 4.81
C THR A 111 21.52 23.69 6.17
N SER A 112 20.55 24.13 6.96
CA SER A 112 20.32 23.48 8.24
C SER A 112 18.84 23.46 8.56
N ALA A 113 18.42 22.41 9.28
CA ALA A 113 17.04 22.28 9.74
C ALA A 113 16.71 23.35 10.80
N GLU A 114 17.70 23.75 11.58
CA GLU A 114 17.44 24.76 12.61
C GLU A 114 16.99 26.11 12.00
N ALA A 115 17.71 26.57 10.98
CA ALA A 115 17.35 27.81 10.30
C ALA A 115 16.04 27.69 9.52
N ALA A 116 15.89 26.59 8.77
CA ALA A 116 14.70 26.38 7.98
C ALA A 116 13.46 26.30 8.88
N SER A 117 13.56 25.60 10.01
CA SER A 117 12.44 25.44 10.94
C SER A 117 12.00 26.79 11.51
N SER A 118 12.99 27.57 11.89
CA SER A 118 12.73 28.89 12.48
C SER A 118 12.08 29.80 11.47
N VAL A 119 12.60 29.84 10.25
CA VAL A 119 12.01 30.68 9.23
C VAL A 119 10.63 30.21 8.80
N LEU A 120 10.41 28.90 8.74
CA LEU A 120 9.09 28.36 8.44
C LEU A 120 8.04 28.83 9.48
N TRP A 121 8.39 28.73 10.75
CA TRP A 121 7.43 29.09 11.79
C TRP A 121 7.15 30.60 11.74
N GLU A 122 8.19 31.39 11.46
CA GLU A 122 8.02 32.85 11.37
C GLU A 122 7.19 33.24 10.16
N LEU A 123 7.32 32.50 9.06
CA LEU A 123 6.53 32.79 7.87
C LEU A 123 5.06 32.49 8.13
N TYR A 124 4.79 31.33 8.73
CA TYR A 124 3.42 31.02 9.06
C TYR A 124 2.85 32.06 10.00
N SER A 125 3.65 32.39 11.01
CA SER A 125 3.19 33.26 12.09
C SER A 125 2.82 34.61 11.52
N GLY A 126 3.60 35.04 10.54
CA GLY A 126 3.47 36.38 9.99
C GLY A 126 2.42 36.52 8.92
N LEU A 127 2.08 35.42 8.25
CA LEU A 127 1.10 35.47 7.16
C LEU A 127 -0.25 34.82 7.50
N ARG A 128 -0.23 33.86 8.41
CA ARG A 128 -1.44 33.12 8.78
C ARG A 128 -2.36 32.86 7.61
N PRO A 129 -1.88 32.09 6.65
CA PRO A 129 -2.62 31.85 5.41
C PRO A 129 -3.90 31.05 5.63
N ALA A 130 -4.92 31.35 4.84
CA ALA A 130 -6.25 30.77 5.04
C ALA A 130 -6.27 29.26 4.90
N GLU A 131 -5.27 28.71 4.23
CA GLU A 131 -5.21 27.26 4.03
C GLU A 131 -5.15 26.48 5.34
N LEU A 132 -4.71 27.12 6.42
CA LEU A 132 -4.60 26.44 7.70
C LEU A 132 -5.60 26.95 8.74
N GLU A 133 -6.57 27.77 8.32
CA GLU A 133 -7.48 28.43 9.26
C GLU A 133 -8.36 27.45 10.04
N ARG A 134 -8.54 26.24 9.53
CA ARG A 134 -9.53 25.32 10.10
C ARG A 134 -8.94 24.42 11.16
N VAL A 135 -7.63 24.56 11.38
CA VAL A 135 -6.99 23.96 12.55
C VAL A 135 -6.24 25.05 13.28
N LYS A 136 -5.84 24.76 14.51
CA LYS A 136 -4.90 25.60 15.22
C LYS A 136 -3.50 25.07 14.92
N VAL A 137 -2.56 25.94 14.52
CA VAL A 137 -1.17 25.52 14.30
C VAL A 137 -0.34 25.82 15.52
N LEU A 138 0.14 24.77 16.19
CA LEU A 138 0.81 24.95 17.47
C LEU A 138 2.29 25.30 17.30
N THR A 139 2.91 24.73 16.26
CA THR A 139 4.29 25.02 15.91
C THR A 139 4.55 24.36 14.55
N MET A 140 5.73 24.63 13.98
CA MET A 140 6.14 24.06 12.71
C MET A 140 7.64 23.80 12.72
N PHE A 141 8.09 22.94 11.81
CA PHE A 141 9.51 22.64 11.70
C PHE A 141 9.79 21.91 10.40
N THR A 142 11.05 21.70 10.08
CA THR A 142 11.38 21.05 8.82
C THR A 142 12.37 19.92 9.02
N SER A 143 12.49 19.08 8.02
CA SER A 143 13.63 18.18 7.95
C SER A 143 14.90 18.99 7.64
N ALA A 144 16.04 18.27 7.60
CA ALA A 144 17.27 18.85 7.09
C ALA A 144 17.32 18.77 5.56
N PRO A 145 18.32 19.37 4.92
CA PRO A 145 18.32 19.32 3.45
C PRO A 145 18.25 17.90 2.88
N SER A 146 17.61 17.75 1.74
CA SER A 146 17.42 16.41 1.17
C SER A 146 18.68 16.01 0.39
N HIS A 147 18.98 14.71 0.43
CA HIS A 147 20.05 14.09 -0.35
C HIS A 147 19.52 12.79 -0.95
N PHE A 148 20.28 12.15 -1.85
CA PHE A 148 19.86 10.89 -2.43
C PHE A 148 20.42 9.73 -1.60
N MET A 149 19.55 8.79 -1.25
CA MET A 149 19.94 7.48 -0.70
C MET A 149 19.51 6.42 -1.70
N THR A 150 20.45 5.64 -2.20
CA THR A 150 20.14 4.74 -3.32
C THR A 150 20.78 3.38 -3.16
N VAL A 151 20.26 2.40 -3.89
CA VAL A 151 20.77 1.03 -3.80
C VAL A 151 22.02 0.84 -4.66
N THR A 152 22.16 1.66 -5.70
CA THR A 152 23.33 1.64 -6.60
C THR A 152 23.88 3.06 -6.67
N PRO A 153 25.17 3.20 -6.96
CA PRO A 153 25.76 4.55 -6.89
C PRO A 153 25.29 5.55 -7.93
N VAL A 154 25.06 6.77 -7.46
CA VAL A 154 24.75 7.90 -8.32
C VAL A 154 25.89 8.89 -8.20
N ARG A 155 26.73 8.93 -9.25
CA ARG A 155 27.87 9.85 -9.28
C ARG A 155 27.69 10.97 -10.28
N SER A 156 26.54 10.99 -10.95
CA SER A 156 26.27 12.04 -11.93
C SER A 156 24.79 12.05 -12.28
N LEU A 157 24.33 13.11 -12.95
CA LEU A 157 22.90 13.22 -13.27
C LEU A 157 22.49 12.13 -14.23
N ARG A 158 23.42 11.73 -15.08
CA ARG A 158 23.20 10.65 -16.00
C ARG A 158 22.69 9.41 -15.27
N ASP A 159 23.30 9.09 -14.12
CA ASP A 159 22.91 7.90 -13.33
C ASP A 159 21.46 7.94 -12.79
N LEU A 160 20.86 9.13 -12.69
CA LEU A 160 19.55 9.32 -12.10
C LEU A 160 18.46 9.11 -13.14
N GLN A 161 18.83 9.15 -14.42
CA GLN A 161 17.80 9.23 -15.46
C GLN A 161 16.94 7.95 -15.45
N GLY A 162 15.65 8.15 -15.27
CA GLY A 162 14.69 7.06 -15.21
C GLY A 162 14.73 6.23 -13.94
N MET A 163 15.52 6.64 -12.96
CA MET A 163 15.63 5.87 -11.72
C MET A 163 14.45 6.16 -10.83
N GLU A 164 13.81 5.10 -10.33
CA GLU A 164 12.63 5.25 -9.46
C GLU A 164 13.09 5.68 -8.07
N ILE A 165 12.81 6.93 -7.70
CA ILE A 165 13.23 7.49 -6.41
C ILE A 165 12.02 8.03 -5.65
N ARG A 166 11.92 7.68 -4.38
CA ARG A 166 10.83 8.19 -3.56
C ARG A 166 10.99 9.66 -3.14
N GLY A 167 9.89 10.40 -3.26
CA GLY A 167 9.75 11.73 -2.71
C GLY A 167 8.30 11.91 -2.28
N ALA A 168 7.92 13.14 -2.02
CA ALA A 168 6.52 13.53 -1.87
C ALA A 168 6.37 14.99 -2.25
N GLY A 169 5.18 15.35 -2.75
CA GLY A 169 4.84 16.75 -3.00
C GLY A 169 5.83 17.35 -3.96
N THR A 170 6.31 18.56 -3.66
CA THR A 170 7.21 19.25 -4.58
C THR A 170 8.57 18.61 -4.65
N LEU A 171 8.95 17.87 -3.61
CA LEU A 171 10.17 17.07 -3.70
C LEU A 171 10.13 16.02 -4.82
N SER A 172 8.97 15.42 -5.03
CA SER A 172 8.77 14.57 -6.20
C SER A 172 8.86 15.36 -7.51
N ALA A 173 8.33 16.55 -7.52
CA ALA A 173 8.41 17.41 -8.72
C ALA A 173 9.87 17.73 -9.07
N ILE A 174 10.67 17.94 -8.03
CA ILE A 174 12.10 18.18 -8.19
C ILE A 174 12.76 16.97 -8.83
N LEU A 175 12.43 15.77 -8.33
CA LEU A 175 12.94 14.55 -8.97
C LEU A 175 12.57 14.45 -10.45
N GLU A 176 11.34 14.76 -10.79
CA GLU A 176 10.91 14.70 -12.17
C GLU A 176 11.69 15.71 -13.02
N LYS A 177 11.92 16.92 -12.52
CA LYS A 177 12.70 17.92 -13.29
C LYS A 177 14.13 17.44 -13.53
N LEU A 178 14.68 16.70 -12.57
CA LEU A 178 16.04 16.18 -12.67
C LEU A 178 16.15 14.95 -13.57
N GLY A 179 15.01 14.41 -13.97
CA GLY A 179 14.99 13.32 -14.93
C GLY A 179 14.80 11.97 -14.27
N ALA A 180 14.62 11.96 -12.94
CA ALA A 180 14.31 10.73 -12.24
C ALA A 180 12.84 10.40 -12.41
N THR A 181 12.46 9.18 -12.02
CA THR A 181 11.05 8.82 -11.95
C THR A 181 10.61 8.89 -10.49
N PRO A 182 9.93 9.97 -10.13
CA PRO A 182 9.43 10.01 -8.74
C PRO A 182 8.34 8.99 -8.47
N VAL A 183 8.35 8.45 -7.27
CA VAL A 183 7.24 7.68 -6.75
C VAL A 183 6.89 8.29 -5.41
N SER A 184 5.73 8.93 -5.33
CA SER A 184 5.34 9.54 -4.08
C SER A 184 4.71 8.57 -3.08
N MET A 185 5.17 8.64 -1.83
CA MET A 185 4.58 7.85 -0.76
C MET A 185 4.98 8.40 0.60
N PRO A 186 4.19 8.12 1.62
CA PRO A 186 4.54 8.54 2.97
C PRO A 186 5.69 7.72 3.56
N MET A 187 6.44 8.30 4.49
CA MET A 187 7.69 7.70 4.97
C MET A 187 7.52 6.27 5.51
N PRO A 188 6.45 5.96 6.24
CA PRO A 188 6.36 4.58 6.76
C PRO A 188 6.28 3.48 5.68
N GLU A 189 5.90 3.81 4.46
CA GLU A 189 5.84 2.83 3.37
C GLU A 189 7.17 2.66 2.64
N VAL A 190 8.12 3.53 2.90
CA VAL A 190 9.35 3.55 2.11
C VAL A 190 10.27 2.31 2.28
N PRO A 191 10.47 1.83 3.51
CA PRO A 191 11.34 0.66 3.64
C PRO A 191 10.90 -0.53 2.79
N GLU A 192 9.61 -0.88 2.82
CA GLU A 192 9.14 -2.06 2.09
C GLU A 192 9.35 -1.84 0.59
N ALA A 193 9.08 -0.61 0.13
CA ALA A 193 9.18 -0.28 -1.29
C ALA A 193 10.60 -0.48 -1.78
N VAL A 194 11.58 -0.09 -0.96
CA VAL A 194 12.99 -0.32 -1.29
C VAL A 194 13.33 -1.79 -1.21
N GLN A 195 12.95 -2.41 -0.10
CA GLN A 195 13.28 -3.82 0.12
C GLN A 195 12.81 -4.67 -1.04
N LYS A 196 11.64 -4.34 -1.58
CA LYS A 196 11.01 -5.18 -2.59
C LYS A 196 11.22 -4.68 -4.02
N GLY A 197 12.02 -3.63 -4.17
CA GLY A 197 12.44 -3.18 -5.48
C GLY A 197 11.46 -2.31 -6.23
N ILE A 198 10.42 -1.86 -5.55
CA ILE A 198 9.48 -0.91 -6.14
C ILE A 198 10.14 0.47 -6.40
N ILE A 199 11.11 0.83 -5.56
CA ILE A 199 11.90 2.02 -5.80
C ILE A 199 13.37 1.62 -5.62
N LYS A 200 14.29 2.44 -6.13
CA LYS A 200 15.74 2.22 -5.99
C LYS A 200 16.38 3.16 -5.00
N GLY A 201 15.60 4.06 -4.43
CA GLY A 201 16.18 5.00 -3.50
C GLY A 201 15.14 5.98 -3.01
N LEU A 202 15.59 6.92 -2.21
CA LEU A 202 14.71 7.93 -1.62
C LEU A 202 15.45 9.26 -1.51
N PHE A 203 14.70 10.35 -1.45
CA PHE A 203 15.21 11.72 -1.50
C PHE A 203 14.68 12.43 -0.26
N THR A 204 15.51 12.53 0.76
CA THR A 204 15.14 13.20 2.00
C THR A 204 16.34 13.38 2.89
N SER A 205 16.14 13.76 4.15
CA SER A 205 17.30 14.00 5.03
C SER A 205 17.90 12.70 5.55
N LEU A 206 19.17 12.78 5.97
CA LEU A 206 19.96 11.57 6.23
C LEU A 206 19.78 10.94 7.60
N ASP A 207 19.02 11.60 8.48
CA ASP A 207 18.63 11.00 9.77
C ASP A 207 18.03 9.59 9.61
N VAL A 208 17.36 9.34 8.50
CA VAL A 208 16.64 8.07 8.31
C VAL A 208 17.61 6.90 8.04
N MET A 209 18.85 7.21 7.70
CA MET A 209 19.85 6.16 7.51
C MET A 209 19.99 5.31 8.78
N LYS A 210 19.93 5.98 9.93
CA LYS A 210 19.89 5.30 11.22
C LYS A 210 18.48 5.06 11.74
N ASP A 211 17.65 6.10 11.75
CA ASP A 211 16.41 6.04 12.52
C ASP A 211 15.42 5.09 11.89
N MET A 212 15.53 4.90 10.58
CA MET A 212 14.77 3.86 9.92
C MET A 212 15.61 2.79 9.25
N ASN A 213 16.88 2.75 9.63
CA ASN A 213 17.79 1.71 9.19
C ASN A 213 17.96 1.66 7.68
N PHE A 214 17.86 2.82 7.00
CA PHE A 214 18.15 2.78 5.57
C PHE A 214 19.60 2.44 5.24
N ALA A 215 20.50 2.57 6.23
CA ALA A 215 21.89 2.16 6.00
C ALA A 215 22.03 0.69 5.60
N GLU A 216 21.05 -0.14 5.98
CA GLU A 216 21.06 -1.56 5.62
C GLU A 216 20.30 -1.88 4.34
N MET A 217 19.74 -0.85 3.72
CA MET A 217 18.91 -1.00 2.53
C MET A 217 19.51 -0.22 1.35
N THR A 218 19.89 1.01 1.60
CA THR A 218 20.49 1.89 0.60
C THR A 218 21.94 2.18 1.02
N GLY A 219 22.87 1.51 0.38
CA GLY A 219 24.29 1.61 0.73
C GLY A 219 25.08 2.74 0.09
N HIS A 220 24.37 3.64 -0.61
CA HIS A 220 24.99 4.77 -1.34
C HIS A 220 24.23 6.06 -1.08
N VAL A 221 24.98 7.12 -0.78
CA VAL A 221 24.43 8.44 -0.54
C VAL A 221 25.09 9.44 -1.49
N THR A 222 24.29 10.25 -2.16
CA THR A 222 24.79 11.30 -3.04
C THR A 222 24.30 12.63 -2.53
N ARG A 223 25.25 13.53 -2.25
CA ARG A 223 24.96 14.87 -1.81
C ARG A 223 24.14 15.59 -2.88
N ALA A 224 23.12 16.33 -2.44
CA ALA A 224 22.23 17.07 -3.34
C ALA A 224 21.98 18.47 -2.77
N ASP A 225 22.05 18.62 -1.43
CA ASP A 225 21.81 19.90 -0.74
C ASP A 225 20.49 20.50 -1.18
N GLN A 226 19.46 19.67 -1.15
CA GLN A 226 18.21 20.03 -1.78
C GLN A 226 17.16 20.52 -0.75
N ALA A 227 15.94 20.78 -1.25
CA ALA A 227 14.83 21.29 -0.44
C ALA A 227 14.58 20.43 0.79
N VAL A 228 13.92 21.04 1.77
CA VAL A 228 13.48 20.36 2.99
C VAL A 228 12.00 20.01 2.93
N TYR A 229 11.55 19.12 3.83
CA TYR A 229 10.15 18.77 4.00
C TYR A 229 9.62 19.56 5.20
N PRO A 230 8.59 20.42 4.98
CA PRO A 230 7.96 21.17 6.06
C PRO A 230 6.88 20.41 6.78
N PHE A 231 6.78 20.62 8.08
CA PHE A 231 5.79 19.94 8.92
C PHE A 231 5.00 20.98 9.69
N ALA A 232 3.76 20.62 10.03
CA ALA A 232 3.00 21.39 11.01
C ALA A 232 2.52 20.51 12.12
N VAL A 233 2.52 21.07 13.33
CA VAL A 233 1.88 20.45 14.47
C VAL A 233 0.55 21.17 14.60
N ILE A 234 -0.51 20.40 14.36
CA ILE A 234 -1.87 20.93 14.28
C ILE A 234 -2.74 20.44 15.42
N MET A 235 -3.71 21.29 15.80
CA MET A 235 -4.62 20.96 16.88
C MET A 235 -6.07 21.19 16.44
N ASN A 236 -6.92 20.25 16.81
CA ASN A 236 -8.36 20.40 16.60
C ASN A 236 -8.83 21.73 17.15
N ARG A 237 -9.54 22.50 16.33
CA ARG A 237 -9.97 23.85 16.69
C ARG A 237 -10.79 23.87 17.98
N GLU A 238 -11.71 22.92 18.10
CA GLU A 238 -12.57 22.84 19.27
C GLU A 238 -11.79 22.48 20.54
N ALA A 239 -10.78 21.62 20.41
CA ALA A 239 -9.95 21.28 21.57
C ALA A 239 -9.15 22.50 22.01
N TRP A 240 -8.69 23.30 21.06
CA TRP A 240 -7.89 24.47 21.38
C TRP A 240 -8.79 25.48 22.10
N GLU A 241 -10.01 25.63 21.58
CA GLU A 241 -10.95 26.62 22.11
C GLU A 241 -11.46 26.25 23.49
N ARG A 242 -11.35 24.97 23.85
CA ARG A 242 -11.72 24.49 25.18
C ARG A 242 -10.61 24.73 26.20
N LEU A 243 -9.45 25.21 25.74
CA LEU A 243 -8.38 25.59 26.66
C LEU A 243 -8.56 27.02 27.15
N SER A 244 -8.20 27.27 28.40
CA SER A 244 -8.32 28.60 28.99
C SER A 244 -7.31 29.55 28.37
N PRO A 245 -7.59 30.87 28.39
CA PRO A 245 -6.60 31.82 27.87
C PRO A 245 -5.17 31.63 28.43
N ASP A 246 -5.03 31.37 29.73
CA ASP A 246 -3.68 31.19 30.30
C ASP A 246 -2.92 29.97 29.73
N VAL A 247 -3.61 28.86 29.57
CA VAL A 247 -3.01 27.66 28.97
C VAL A 247 -2.67 27.91 27.48
N GLN A 248 -3.54 28.60 26.77
CA GLN A 248 -3.25 28.95 25.38
C GLN A 248 -1.95 29.75 25.24
N GLN A 249 -1.74 30.74 26.11
CA GLN A 249 -0.54 31.57 26.04
C GLN A 249 0.69 30.74 26.33
N VAL A 250 0.56 29.70 27.14
CA VAL A 250 1.71 28.85 27.39
C VAL A 250 2.09 28.07 26.12
N LEU A 251 1.10 27.48 25.45
CA LEU A 251 1.38 26.70 24.26
C LEU A 251 1.89 27.61 23.12
N ASP A 252 1.29 28.80 22.99
CA ASP A 252 1.76 29.76 22.00
C ASP A 252 3.19 30.20 22.30
N GLY A 253 3.51 30.32 23.59
CA GLY A 253 4.82 30.79 24.01
C GLY A 253 5.91 29.75 23.88
N LEU A 254 5.53 28.53 23.51
CA LEU A 254 6.48 27.45 23.32
C LEU A 254 6.88 27.32 21.84
N ALA A 255 6.05 27.88 20.96
CA ALA A 255 6.05 27.51 19.53
C ALA A 255 7.38 27.80 18.84
N ALA A 256 7.89 29.01 19.06
CA ALA A 256 9.09 29.46 18.34
C ALA A 256 10.31 28.72 18.85
N GLU A 257 10.40 28.60 20.16
CA GLU A 257 11.53 27.94 20.80
C GLU A 257 11.60 26.51 20.38
N HIS A 258 10.43 25.89 20.26
CA HIS A 258 10.37 24.47 19.88
C HIS A 258 10.72 24.21 18.39
N ALA A 259 10.30 25.09 17.50
CA ALA A 259 10.70 25.02 16.10
C ALA A 259 12.22 24.94 15.97
N ALA A 260 12.90 25.85 16.66
CA ALA A 260 14.35 25.92 16.65
C ALA A 260 14.97 24.68 17.27
N TRP A 261 14.46 24.31 18.45
CA TRP A 261 14.91 23.09 19.15
C TRP A 261 14.86 21.87 18.22
N THR A 262 13.76 21.71 17.48
CA THR A 262 13.56 20.55 16.63
C THR A 262 14.61 20.53 15.52
N GLY A 263 14.80 21.67 14.84
CA GLY A 263 15.83 21.74 13.82
C GLY A 263 17.23 21.49 14.36
N ARG A 264 17.52 22.04 15.52
CA ARG A 264 18.83 21.89 16.15
C ARG A 264 19.13 20.43 16.50
N TYR A 265 18.14 19.77 17.07
CA TYR A 265 18.25 18.33 17.38
C TYR A 265 18.58 17.60 16.08
N LEU A 266 17.81 17.89 15.03
CA LEU A 266 17.90 17.13 13.80
C LEU A 266 19.26 17.32 13.13
N ASP A 267 19.74 18.56 13.10
CA ASP A 267 21.04 18.87 12.53
C ASP A 267 22.15 18.01 13.16
N ALA A 268 22.20 17.94 14.48
CA ALA A 268 23.20 17.15 15.17
C ALA A 268 22.99 15.66 14.90
N HIS A 269 21.73 15.25 14.90
CA HIS A 269 21.42 13.86 14.75
C HIS A 269 21.73 13.36 13.34
N VAL A 270 21.60 14.22 12.34
CA VAL A 270 21.98 13.84 10.97
C VAL A 270 23.48 13.48 10.94
N GLN A 271 24.30 14.23 11.65
CA GLN A 271 25.72 13.94 11.63
C GLN A 271 26.01 12.60 12.33
N ASP A 272 25.38 12.37 13.47
CA ASP A 272 25.50 11.09 14.17
C ASP A 272 25.05 9.92 13.31
N SER A 273 23.93 10.10 12.63
CA SER A 273 23.36 9.06 11.77
C SER A 273 24.30 8.67 10.63
N MET A 274 24.90 9.65 9.96
CA MET A 274 25.83 9.34 8.88
C MET A 274 27.13 8.73 9.37
N ARG A 275 27.59 9.15 10.53
CA ARG A 275 28.78 8.58 11.12
C ARG A 275 28.56 7.08 11.37
N TRP A 276 27.43 6.75 11.99
CA TRP A 276 27.06 5.36 12.23
C TRP A 276 26.92 4.60 10.90
N ALA A 277 26.28 5.21 9.92
CA ALA A 277 26.07 4.53 8.65
C ALA A 277 27.40 4.18 7.94
N GLU A 278 28.33 5.14 7.92
CA GLU A 278 29.60 4.94 7.24
C GLU A 278 30.48 3.94 7.99
N GLU A 279 30.52 4.09 9.31
CA GLU A 279 31.46 3.31 10.11
C GLU A 279 30.97 1.89 10.33
N LYS A 280 29.67 1.73 10.53
CA LYS A 280 29.13 0.43 10.88
C LYS A 280 28.44 -0.32 9.75
N HIS A 281 28.11 0.37 8.66
CA HIS A 281 27.44 -0.30 7.55
C HIS A 281 28.04 -0.03 6.19
N GLY A 282 29.25 0.50 6.19
CA GLY A 282 30.00 0.70 4.94
C GLY A 282 29.36 1.55 3.85
N VAL A 283 28.50 2.49 4.24
CA VAL A 283 27.79 3.31 3.28
C VAL A 283 28.81 4.15 2.50
N GLN A 284 28.64 4.22 1.19
CA GLN A 284 29.51 4.98 0.30
C GLN A 284 28.86 6.33 0.00
N VAL A 285 29.67 7.38 0.03
CA VAL A 285 29.19 8.74 -0.19
C VAL A 285 29.75 9.28 -1.48
N HIS A 286 28.90 9.92 -2.28
CA HIS A 286 29.29 10.45 -3.56
C HIS A 286 28.90 11.91 -3.73
N THR A 287 29.64 12.60 -4.58
CA THR A 287 29.32 13.99 -4.88
C THR A 287 29.20 14.12 -6.37
N LEU A 288 28.32 15.02 -6.79
CA LEU A 288 28.11 15.30 -8.19
C LEU A 288 29.14 16.30 -8.75
N PRO A 289 29.45 16.23 -10.05
CA PRO A 289 30.40 17.20 -10.59
C PRO A 289 29.81 18.60 -10.52
N GLU A 290 30.66 19.62 -10.50
CA GLU A 290 30.19 20.99 -10.47
C GLU A 290 29.19 21.32 -11.57
N GLU A 291 29.42 20.80 -12.77
CA GLU A 291 28.56 21.12 -13.91
C GLU A 291 27.16 20.49 -13.71
N ASP A 292 27.11 19.36 -13.03
CA ASP A 292 25.83 18.74 -12.77
C ASP A 292 25.08 19.55 -11.73
N ILE A 293 25.80 20.10 -10.77
CA ILE A 293 25.16 20.89 -9.73
C ILE A 293 24.54 22.14 -10.34
N ALA A 294 25.23 22.75 -11.30
CA ALA A 294 24.73 23.95 -11.94
C ALA A 294 23.52 23.63 -12.79
N ALA A 295 23.59 22.53 -13.53
CA ALA A 295 22.47 22.13 -14.37
C ALA A 295 21.26 21.75 -13.54
N MET A 296 21.50 21.11 -12.39
CA MET A 296 20.42 20.74 -11.47
C MET A 296 19.68 21.98 -11.02
N ARG A 297 20.43 23.01 -10.65
CA ARG A 297 19.80 24.25 -10.22
C ARG A 297 18.94 24.86 -11.30
N ARG A 298 19.42 24.83 -12.55
CA ARG A 298 18.65 25.44 -13.61
C ARG A 298 17.39 24.66 -13.90
N SER A 299 17.48 23.33 -13.84
CA SER A 299 16.32 22.52 -14.21
C SER A 299 15.17 22.66 -13.20
N VAL A 300 15.46 23.03 -11.97
CA VAL A 300 14.38 23.17 -10.98
C VAL A 300 13.82 24.60 -10.91
N GLN A 301 14.48 25.55 -11.56
CA GLN A 301 14.05 26.95 -11.51
C GLN A 301 12.56 27.14 -11.83
N PRO A 302 12.06 26.47 -12.89
CA PRO A 302 10.65 26.64 -13.28
C PRO A 302 9.63 26.23 -12.21
N LEU A 303 10.03 25.40 -11.24
CA LEU A 303 9.08 25.03 -10.17
C LEU A 303 8.66 26.24 -9.35
N PHE A 304 9.49 27.28 -9.28
CA PHE A 304 9.13 28.48 -8.53
C PHE A 304 7.95 29.15 -9.20
N ASP A 305 8.00 29.24 -10.53
CA ASP A 305 6.92 29.83 -11.31
C ASP A 305 5.64 29.01 -11.20
N ALA A 306 5.78 27.70 -11.20
CA ALA A 306 4.61 26.83 -11.11
C ALA A 306 3.98 26.98 -9.72
N TRP A 307 4.81 27.05 -8.69
CA TRP A 307 4.31 27.28 -7.31
C TRP A 307 3.51 28.60 -7.24
N ALA A 308 4.10 29.66 -7.80
CA ALA A 308 3.47 30.99 -7.80
C ALA A 308 2.12 31.00 -8.52
N GLN A 309 2.08 30.32 -9.66
CA GLN A 309 0.86 30.28 -10.45
C GLN A 309 -0.25 29.54 -9.70
N ARG A 310 0.07 28.40 -9.08
CA ARG A 310 -0.93 27.70 -8.27
C ARG A 310 -1.39 28.58 -7.10
N ALA A 311 -0.47 29.31 -6.50
CA ALA A 311 -0.81 30.13 -5.35
C ALA A 311 -1.81 31.20 -5.78
N ALA A 312 -1.49 31.88 -6.87
CA ALA A 312 -2.37 32.91 -7.39
C ALA A 312 -3.71 32.31 -7.82
N ASP A 313 -3.69 31.13 -8.44
CA ASP A 313 -4.95 30.51 -8.85
C ASP A 313 -5.85 30.30 -7.63
N LYS A 314 -5.25 30.12 -6.45
CA LYS A 314 -6.01 29.90 -5.22
C LYS A 314 -6.26 31.18 -4.42
N GLY A 315 -5.92 32.33 -4.98
CA GLY A 315 -6.25 33.59 -4.35
C GLY A 315 -5.17 34.18 -3.46
N ALA A 316 -4.03 33.52 -3.39
CA ALA A 316 -2.95 34.00 -2.56
C ALA A 316 -2.03 34.93 -3.36
N ASP A 317 -1.14 35.63 -2.64
CA ASP A 317 -0.18 36.57 -3.24
C ASP A 317 1.27 36.06 -3.19
N PRO A 318 1.71 35.36 -4.24
CA PRO A 318 3.05 34.78 -4.14
C PRO A 318 4.17 35.80 -4.08
N ASP A 319 3.98 36.99 -4.67
CA ASP A 319 5.03 38.01 -4.56
C ASP A 319 5.25 38.38 -3.09
N ALA A 320 4.14 38.54 -2.37
CA ALA A 320 4.22 38.90 -0.96
C ALA A 320 4.88 37.76 -0.16
N VAL A 321 4.52 36.54 -0.49
CA VAL A 321 5.08 35.39 0.22
C VAL A 321 6.60 35.38 0.02
N MET A 322 7.04 35.54 -1.22
CA MET A 322 8.49 35.51 -1.50
C MET A 322 9.23 36.70 -0.91
N ARG A 323 8.61 37.89 -0.90
CA ARG A 323 9.16 39.05 -0.20
C ARG A 323 9.38 38.71 1.30
N THR A 324 8.43 38.01 1.91
CA THR A 324 8.55 37.64 3.32
C THR A 324 9.58 36.54 3.58
N VAL A 325 9.61 35.53 2.72
CA VAL A 325 10.66 34.50 2.81
C VAL A 325 12.03 35.21 2.77
N ASP A 326 12.21 36.13 1.82
CA ASP A 326 13.51 36.79 1.61
C ASP A 326 13.90 37.59 2.85
N ALA A 327 12.96 38.36 3.40
CA ALA A 327 13.19 39.18 4.59
C ALA A 327 13.51 38.31 5.81
N LEU A 328 12.79 37.22 5.98
CA LEU A 328 13.02 36.38 7.16
C LEU A 328 14.37 35.67 7.07
N LYS A 329 14.76 35.20 5.88
CA LYS A 329 16.10 34.65 5.70
C LYS A 329 17.20 35.68 6.01
N ALA A 330 16.96 36.93 5.64
CA ALA A 330 17.98 37.98 5.83
C ALA A 330 18.15 38.33 7.31
N GLN A 331 17.02 38.38 8.01
CA GLN A 331 16.95 38.66 9.43
C GLN A 331 17.73 37.63 10.22
N TYR A 332 17.59 36.39 9.78
CA TYR A 332 17.95 35.26 10.61
C TYR A 332 19.34 35.37 11.26
N GLN B 24 -40.64 -28.94 3.23
CA GLN B 24 -39.83 -29.47 2.15
C GLN B 24 -38.88 -28.44 1.50
N PRO B 25 -39.38 -27.25 1.14
CA PRO B 25 -38.36 -26.35 0.60
C PRO B 25 -37.41 -25.75 1.65
N VAL B 26 -36.32 -25.17 1.17
CA VAL B 26 -35.38 -24.45 1.98
C VAL B 26 -35.47 -22.98 1.56
N THR B 27 -35.46 -22.08 2.54
CA THR B 27 -35.40 -20.67 2.29
C THR B 27 -34.08 -20.11 2.84
N LEU B 28 -33.37 -19.43 1.96
CA LEU B 28 -32.11 -18.79 2.31
C LEU B 28 -32.30 -17.28 2.48
N ASN B 29 -31.74 -16.76 3.55
CA ASN B 29 -31.71 -15.31 3.75
C ASN B 29 -30.52 -14.65 3.05
N TYR B 30 -30.82 -13.68 2.19
CA TYR B 30 -29.79 -13.00 1.38
C TYR B 30 -29.68 -11.52 1.80
N ALA B 31 -28.58 -11.18 2.45
CA ALA B 31 -28.33 -9.81 2.94
C ALA B 31 -27.65 -9.00 1.85
N ASN B 32 -28.04 -7.73 1.73
CA ASN B 32 -27.32 -6.83 0.88
C ASN B 32 -27.23 -5.46 1.53
N PHE B 33 -26.31 -4.61 1.05
CA PHE B 33 -25.98 -3.38 1.79
C PHE B 33 -26.53 -2.07 1.20
N PRO B 34 -26.61 -1.94 -0.15
CA PRO B 34 -27.13 -0.68 -0.67
C PRO B 34 -28.63 -0.70 -0.93
N PRO B 35 -29.19 0.44 -1.35
CA PRO B 35 -30.63 0.46 -1.59
C PRO B 35 -31.10 -0.50 -2.67
N ALA B 36 -32.37 -0.88 -2.59
CA ALA B 36 -33.03 -1.78 -3.52
C ALA B 36 -32.92 -1.33 -4.96
N SER B 37 -32.85 -0.02 -5.20
CA SER B 37 -32.77 0.48 -6.57
C SER B 37 -31.41 0.26 -7.25
N THR B 38 -30.37 0.01 -6.46
CA THR B 38 -29.01 -0.05 -7.02
C THR B 38 -28.66 -1.40 -7.58
N PHE B 39 -27.63 -1.46 -8.42
CA PHE B 39 -27.40 -2.66 -9.23
C PHE B 39 -27.05 -3.92 -8.39
N PRO B 40 -26.34 -3.75 -7.27
CA PRO B 40 -26.11 -4.99 -6.51
C PRO B 40 -27.39 -5.61 -5.95
N CYS B 41 -28.43 -4.80 -5.73
CA CYS B 41 -29.71 -5.35 -5.28
C CYS B 41 -30.54 -5.86 -6.44
N ILE B 42 -30.47 -5.16 -7.57
CA ILE B 42 -31.19 -5.58 -8.77
C ILE B 42 -30.71 -6.99 -9.15
N GLN B 43 -29.41 -7.20 -9.14
CA GLN B 43 -28.89 -8.50 -9.52
C GLN B 43 -29.28 -9.57 -8.54
N MET B 44 -29.36 -9.22 -7.26
CA MET B 44 -29.76 -10.16 -6.22
C MET B 44 -31.21 -10.67 -6.45
N GLU B 45 -32.10 -9.76 -6.82
CA GLU B 45 -33.48 -10.12 -7.13
C GLU B 45 -33.56 -11.02 -8.39
N GLN B 46 -32.71 -10.75 -9.39
CA GLN B 46 -32.70 -11.58 -10.59
C GLN B 46 -32.19 -12.99 -10.26
N TRP B 47 -31.12 -13.05 -9.49
CA TRP B 47 -30.55 -14.34 -9.07
C TRP B 47 -31.58 -15.17 -8.29
N ALA B 48 -32.28 -14.51 -7.36
CA ALA B 48 -33.27 -15.19 -6.55
C ALA B 48 -34.37 -15.77 -7.47
N HIS B 49 -34.80 -14.97 -8.46
CA HIS B 49 -35.81 -15.43 -9.41
C HIS B 49 -35.35 -16.68 -10.14
N GLU B 50 -34.12 -16.67 -10.59
CA GLU B 50 -33.62 -17.83 -11.34
C GLU B 50 -33.45 -19.03 -10.39
N VAL B 51 -33.06 -18.80 -9.15
CA VAL B 51 -32.92 -19.93 -8.22
C VAL B 51 -34.28 -20.62 -7.99
N ARG B 52 -35.31 -19.82 -7.77
CA ARG B 52 -36.65 -20.33 -7.54
C ARG B 52 -37.13 -21.16 -8.74
N THR B 53 -36.89 -20.62 -9.92
CA THR B 53 -37.34 -21.20 -11.17
C THR B 53 -36.60 -22.50 -11.47
N ARG B 54 -35.28 -22.43 -11.38
CA ARG B 54 -34.44 -23.57 -11.74
C ARG B 54 -34.52 -24.72 -10.73
N THR B 55 -34.76 -24.43 -9.44
CA THR B 55 -34.94 -25.49 -8.45
C THR B 55 -36.41 -25.94 -8.33
N ARG B 56 -37.26 -25.46 -9.25
CA ARG B 56 -38.71 -25.72 -9.22
C ARG B 56 -39.32 -25.53 -7.85
N GLY B 57 -38.97 -24.40 -7.25
CA GLY B 57 -39.52 -24.04 -5.96
C GLY B 57 -38.89 -24.75 -4.76
N LYS B 58 -37.87 -25.60 -4.96
CA LYS B 58 -37.28 -26.30 -3.82
C LYS B 58 -36.39 -25.37 -2.98
N VAL B 59 -35.87 -24.31 -3.59
CA VAL B 59 -35.14 -23.32 -2.84
C VAL B 59 -35.80 -21.94 -3.04
N ASP B 60 -36.00 -21.25 -1.93
CA ASP B 60 -36.48 -19.87 -1.99
C ASP B 60 -35.43 -18.97 -1.36
N VAL B 61 -35.53 -17.68 -1.64
CA VAL B 61 -34.60 -16.67 -1.14
C VAL B 61 -35.40 -15.48 -0.60
N LEU B 62 -35.12 -15.12 0.65
CA LEU B 62 -35.70 -13.94 1.25
C LEU B 62 -34.63 -12.87 1.28
N THR B 63 -34.89 -11.78 0.58
CA THR B 63 -33.86 -10.75 0.43
C THR B 63 -34.03 -9.64 1.44
N TYR B 64 -32.90 -9.04 1.81
CA TYR B 64 -32.84 -7.93 2.73
C TYR B 64 -32.00 -6.79 2.15
N PRO B 65 -32.59 -6.04 1.21
CA PRO B 65 -31.85 -4.88 0.69
C PRO B 65 -31.64 -3.81 1.74
N GLY B 66 -30.68 -2.91 1.50
CA GLY B 66 -30.57 -1.69 2.30
C GLY B 66 -30.01 -1.88 3.68
N GLY B 67 -29.32 -2.98 3.89
CA GLY B 67 -28.56 -3.18 5.12
C GLY B 67 -29.37 -3.54 6.34
N THR B 68 -30.59 -4.05 6.16
CA THR B 68 -31.47 -4.36 7.30
C THR B 68 -31.08 -5.61 8.08
N LEU B 69 -30.38 -6.52 7.44
CA LEU B 69 -29.91 -7.73 8.09
C LEU B 69 -28.41 -7.64 8.35
N LEU B 70 -27.63 -7.40 7.30
CA LEU B 70 -26.22 -7.02 7.42
C LEU B 70 -25.93 -5.82 6.51
N GLY B 71 -25.01 -4.99 6.98
CA GLY B 71 -24.55 -3.83 6.24
C GLY B 71 -23.19 -4.06 5.62
N ALA B 72 -22.61 -2.99 5.08
CA ALA B 72 -21.46 -3.14 4.20
C ALA B 72 -20.27 -3.72 4.93
N ARG B 73 -20.06 -3.26 6.16
CA ARG B 73 -18.85 -3.57 6.91
C ARG B 73 -18.90 -4.92 7.62
N ASN B 74 -20.10 -5.34 8.01
CA ASN B 74 -20.23 -6.61 8.70
C ASN B 74 -20.74 -7.74 7.82
N MET B 75 -20.84 -7.47 6.51
CA MET B 75 -21.36 -8.47 5.58
C MET B 75 -20.57 -9.77 5.60
N LEU B 76 -19.24 -9.67 5.50
CA LEU B 76 -18.39 -10.84 5.42
C LEU B 76 -18.45 -11.67 6.72
N ARG B 77 -18.27 -11.00 7.86
CA ARG B 77 -18.30 -11.68 9.15
C ARG B 77 -19.69 -12.23 9.45
N GLY B 78 -20.73 -11.52 9.00
CA GLY B 78 -22.09 -11.94 9.28
C GLY B 78 -22.55 -13.15 8.47
N VAL B 79 -22.01 -13.27 7.26
CA VAL B 79 -22.28 -14.45 6.45
C VAL B 79 -21.50 -15.65 7.02
N MET B 80 -20.24 -15.42 7.42
CA MET B 80 -19.45 -16.51 8.00
C MET B 80 -20.03 -17.04 9.30
N SER B 81 -20.58 -16.14 10.10
CA SER B 81 -21.18 -16.53 11.37
C SER B 81 -22.59 -17.08 11.21
N GLY B 82 -23.16 -16.97 10.01
CA GLY B 82 -24.49 -17.51 9.77
C GLY B 82 -25.66 -16.60 10.05
N GLN B 83 -25.41 -15.33 10.40
CA GLN B 83 -26.47 -14.36 10.58
C GLN B 83 -27.27 -14.17 9.31
N ALA B 84 -26.59 -14.34 8.17
CA ALA B 84 -27.25 -14.47 6.88
C ALA B 84 -26.70 -15.71 6.22
N ASP B 85 -27.51 -16.33 5.36
CA ASP B 85 -27.06 -17.44 4.54
C ASP B 85 -26.18 -16.96 3.37
N ILE B 86 -26.60 -15.87 2.74
CA ILE B 86 -25.92 -15.33 1.54
C ILE B 86 -25.78 -13.81 1.74
N GLY B 87 -24.69 -13.25 1.23
CA GLY B 87 -24.45 -11.81 1.27
C GLY B 87 -23.71 -11.37 0.03
N CYS B 88 -23.61 -10.06 -0.14
CA CYS B 88 -22.98 -9.48 -1.30
C CYS B 88 -21.90 -8.54 -0.78
N ILE B 89 -20.64 -8.85 -1.09
CA ILE B 89 -19.52 -8.03 -0.65
C ILE B 89 -18.84 -7.28 -1.79
N SER B 90 -18.48 -6.05 -1.50
CA SER B 90 -17.60 -5.27 -2.35
C SER B 90 -16.16 -5.54 -1.87
N LEU B 91 -15.32 -6.20 -2.69
CA LEU B 91 -14.01 -6.61 -2.21
C LEU B 91 -13.16 -5.44 -1.68
N ALA B 92 -13.34 -4.28 -2.29
CA ALA B 92 -12.62 -3.07 -1.92
C ALA B 92 -12.83 -2.65 -0.50
N TYR B 93 -13.91 -3.13 0.10
CA TYR B 93 -14.20 -2.76 1.47
C TYR B 93 -13.32 -3.53 2.51
N HIS B 94 -12.50 -4.46 2.03
CA HIS B 94 -11.80 -5.39 2.94
C HIS B 94 -10.32 -5.43 2.64
N PRO B 95 -9.61 -4.36 2.99
CA PRO B 95 -8.17 -4.23 2.68
C PRO B 95 -7.35 -5.40 3.23
N GLY B 96 -6.42 -5.90 2.42
CA GLY B 96 -5.56 -7.00 2.84
C GLY B 96 -6.19 -8.39 2.79
N VAL B 97 -7.51 -8.48 2.77
CA VAL B 97 -8.19 -9.77 2.85
C VAL B 97 -8.14 -10.57 1.54
N PHE B 98 -8.05 -9.88 0.41
CA PHE B 98 -8.16 -10.53 -0.89
C PHE B 98 -6.95 -10.22 -1.78
N PRO B 99 -5.79 -10.78 -1.43
CA PRO B 99 -4.57 -10.44 -2.18
C PRO B 99 -4.66 -10.76 -3.65
N VAL B 100 -5.28 -11.88 -3.99
CA VAL B 100 -5.38 -12.27 -5.38
C VAL B 100 -6.51 -11.53 -6.12
N MET B 101 -7.73 -11.62 -5.59
CA MET B 101 -8.89 -11.10 -6.32
C MET B 101 -8.88 -9.56 -6.40
N SER B 102 -8.15 -8.93 -5.50
CA SER B 102 -7.98 -7.47 -5.56
C SER B 102 -7.22 -6.98 -6.80
N VAL B 103 -6.66 -7.88 -7.59
CA VAL B 103 -6.14 -7.51 -8.89
C VAL B 103 -7.19 -6.77 -9.72
N PHE B 104 -8.48 -7.11 -9.53
CA PHE B 104 -9.57 -6.47 -10.26
C PHE B 104 -9.97 -5.08 -9.76
N GLU B 105 -9.24 -4.53 -8.80
CA GLU B 105 -9.39 -3.15 -8.39
C GLU B 105 -8.35 -2.26 -9.08
N LEU B 106 -7.51 -2.86 -9.93
CA LEU B 106 -6.52 -2.13 -10.70
C LEU B 106 -7.12 -1.81 -12.06
N PRO B 107 -6.54 -0.84 -12.77
CA PRO B 107 -7.07 -0.58 -14.10
C PRO B 107 -6.59 -1.64 -15.12
N LEU B 108 -7.50 -2.57 -15.43
CA LEU B 108 -7.22 -3.69 -16.31
C LEU B 108 -7.74 -3.49 -17.73
N GLY B 109 -8.21 -2.28 -18.01
CA GLY B 109 -8.54 -1.92 -19.37
C GLY B 109 -9.96 -2.21 -19.78
N PHE B 110 -10.78 -2.75 -18.87
CA PHE B 110 -12.15 -3.05 -19.24
C PHE B 110 -12.93 -1.78 -19.52
N THR B 111 -13.75 -1.85 -20.57
CA THR B 111 -14.62 -0.73 -20.95
C THR B 111 -16.07 -1.07 -20.67
N SER B 112 -16.35 -2.29 -20.24
CA SER B 112 -17.74 -2.65 -19.93
C SER B 112 -17.82 -3.52 -18.70
N ALA B 113 -18.90 -3.37 -17.94
CA ALA B 113 -19.15 -4.26 -16.80
C ALA B 113 -19.42 -5.71 -17.22
N GLU B 114 -20.02 -5.89 -18.39
CA GLU B 114 -20.28 -7.24 -18.89
C GLU B 114 -18.99 -8.04 -19.08
N ALA B 115 -18.02 -7.45 -19.77
CA ALA B 115 -16.76 -8.14 -19.98
C ALA B 115 -16.00 -8.33 -18.65
N ALA B 116 -15.93 -7.29 -17.85
CA ALA B 116 -15.19 -7.34 -16.60
C ALA B 116 -15.78 -8.39 -15.68
N SER B 117 -17.12 -8.43 -15.61
CA SER B 117 -17.81 -9.39 -14.74
C SER B 117 -17.51 -10.81 -15.12
N SER B 118 -17.60 -11.08 -16.42
CA SER B 118 -17.31 -12.39 -16.92
C SER B 118 -15.87 -12.85 -16.67
N VAL B 119 -14.90 -11.97 -16.89
CA VAL B 119 -13.52 -12.33 -16.68
C VAL B 119 -13.21 -12.50 -15.18
N LEU B 120 -13.81 -11.65 -14.34
CA LEU B 120 -13.66 -11.78 -12.91
C LEU B 120 -14.16 -13.17 -12.42
N TRP B 121 -15.34 -13.58 -12.85
CA TRP B 121 -15.87 -14.89 -12.47
C TRP B 121 -14.96 -16.02 -13.02
N GLU B 122 -14.53 -15.91 -14.27
CA GLU B 122 -13.68 -16.94 -14.85
C GLU B 122 -12.34 -17.02 -14.11
N LEU B 123 -11.82 -15.88 -13.71
CA LEU B 123 -10.55 -15.84 -12.99
C LEU B 123 -10.70 -16.59 -11.66
N TYR B 124 -11.75 -16.25 -10.91
CA TYR B 124 -12.02 -16.89 -9.62
C TYR B 124 -12.21 -18.41 -9.81
N SER B 125 -13.04 -18.79 -10.77
CA SER B 125 -13.44 -20.19 -10.95
C SER B 125 -12.21 -21.02 -11.29
N GLY B 126 -11.28 -20.39 -12.02
CA GLY B 126 -10.08 -21.10 -12.46
C GLY B 126 -8.99 -21.17 -11.40
N LEU B 127 -8.89 -20.16 -10.53
CA LEU B 127 -7.81 -20.16 -9.55
C LEU B 127 -8.23 -20.65 -8.17
N ARG B 128 -9.48 -20.39 -7.81
CA ARG B 128 -9.98 -20.69 -6.47
C ARG B 128 -9.01 -20.32 -5.36
N PRO B 129 -8.62 -19.06 -5.28
CA PRO B 129 -7.63 -18.65 -4.29
C PRO B 129 -8.09 -18.88 -2.85
N ALA B 130 -7.13 -19.27 -2.01
CA ALA B 130 -7.40 -19.65 -0.62
C ALA B 130 -8.00 -18.53 0.21
N GLU B 131 -7.80 -17.28 -0.20
CA GLU B 131 -8.41 -16.14 0.50
C GLU B 131 -9.93 -16.23 0.61
N LEU B 132 -10.56 -16.98 -0.31
CA LEU B 132 -12.01 -17.09 -0.31
C LEU B 132 -12.50 -18.46 0.15
N GLU B 133 -11.60 -19.31 0.66
CA GLU B 133 -11.97 -20.68 1.01
C GLU B 133 -12.92 -20.83 2.21
N ARG B 134 -13.07 -19.80 3.01
CA ARG B 134 -13.90 -19.93 4.20
C ARG B 134 -15.41 -19.69 3.94
N VAL B 135 -15.74 -19.29 2.71
CA VAL B 135 -17.11 -19.15 2.25
C VAL B 135 -17.27 -19.89 0.94
N LYS B 136 -18.50 -20.10 0.52
CA LYS B 136 -18.80 -20.56 -0.81
C LYS B 136 -19.02 -19.31 -1.66
N VAL B 137 -18.33 -19.22 -2.81
CA VAL B 137 -18.57 -18.11 -3.75
C VAL B 137 -19.55 -18.59 -4.81
N LEU B 138 -20.75 -18.00 -4.77
CA LEU B 138 -21.82 -18.36 -5.67
C LEU B 138 -21.70 -17.76 -7.09
N THR B 139 -21.23 -16.52 -7.15
CA THR B 139 -20.99 -15.82 -8.42
C THR B 139 -20.22 -14.55 -8.08
N MET B 140 -19.80 -13.81 -9.10
CA MET B 140 -19.10 -12.54 -8.91
C MET B 140 -19.44 -11.65 -10.07
N PHE B 141 -19.22 -10.36 -9.89
CA PHE B 141 -19.47 -9.35 -10.92
C PHE B 141 -18.78 -8.06 -10.53
N THR B 142 -18.82 -7.09 -11.43
CA THR B 142 -18.18 -5.82 -11.17
C THR B 142 -19.10 -4.67 -11.50
N SER B 143 -18.71 -3.49 -11.04
CA SER B 143 -19.31 -2.24 -11.48
C SER B 143 -18.82 -1.95 -12.90
N ALA B 144 -19.32 -0.86 -13.49
CA ALA B 144 -18.78 -0.36 -14.75
C ALA B 144 -17.53 0.48 -14.49
N PRO B 145 -16.80 0.89 -15.54
CA PRO B 145 -15.60 1.72 -15.30
C PRO B 145 -15.85 2.97 -14.44
N SER B 146 -14.88 3.29 -13.60
CA SER B 146 -15.06 4.40 -12.66
C SER B 146 -14.83 5.74 -13.38
N HIS B 147 -15.61 6.75 -13.00
CA HIS B 147 -15.45 8.12 -13.49
C HIS B 147 -15.56 9.02 -12.25
N PHE B 148 -15.28 10.31 -12.40
CA PHE B 148 -15.44 11.26 -11.29
C PHE B 148 -16.82 11.91 -11.35
N MET B 149 -17.46 11.99 -10.19
CA MET B 149 -18.66 12.80 -9.98
C MET B 149 -18.33 13.81 -8.90
N THR B 150 -18.43 15.11 -9.20
CA THR B 150 -17.88 16.15 -8.34
C THR B 150 -18.85 17.32 -8.20
N VAL B 151 -18.65 18.10 -7.15
CA VAL B 151 -19.50 19.25 -6.87
C VAL B 151 -19.11 20.44 -7.72
N THR B 152 -17.80 20.54 -8.01
CA THR B 152 -17.27 21.53 -8.92
C THR B 152 -16.57 20.85 -10.11
N PRO B 153 -16.43 21.57 -11.23
CA PRO B 153 -15.93 20.89 -12.43
C PRO B 153 -14.46 20.49 -12.31
N VAL B 154 -14.11 19.32 -12.84
CA VAL B 154 -12.72 18.91 -12.94
C VAL B 154 -12.44 18.73 -14.41
N ARG B 155 -11.66 19.66 -14.97
CA ARG B 155 -11.30 19.65 -16.39
C ARG B 155 -9.83 19.34 -16.59
N SER B 156 -9.13 19.09 -15.50
CA SER B 156 -7.68 18.94 -15.57
C SER B 156 -7.18 18.23 -14.34
N LEU B 157 -5.96 17.67 -14.43
CA LEU B 157 -5.32 17.06 -13.27
C LEU B 157 -5.09 18.15 -12.22
N ARG B 158 -4.79 19.35 -12.70
CA ARG B 158 -4.65 20.50 -11.81
C ARG B 158 -5.89 20.70 -10.93
N ASP B 159 -7.08 20.59 -11.52
CA ASP B 159 -8.33 20.79 -10.78
C ASP B 159 -8.53 19.74 -9.68
N LEU B 160 -7.98 18.54 -9.89
CA LEU B 160 -8.16 17.44 -8.97
C LEU B 160 -7.25 17.55 -7.73
N GLN B 161 -6.14 18.27 -7.84
CA GLN B 161 -5.14 18.28 -6.79
C GLN B 161 -5.72 18.66 -5.42
N GLY B 162 -5.63 17.75 -4.46
CA GLY B 162 -6.10 18.01 -3.12
C GLY B 162 -7.60 17.88 -2.91
N MET B 163 -8.36 17.66 -3.97
CA MET B 163 -9.81 17.54 -3.86
C MET B 163 -10.15 16.26 -3.14
N GLU B 164 -11.02 16.36 -2.14
CA GLU B 164 -11.42 15.16 -1.37
C GLU B 164 -12.44 14.34 -2.15
N ILE B 165 -12.03 13.16 -2.59
CA ILE B 165 -12.90 12.29 -3.40
C ILE B 165 -13.02 10.92 -2.76
N ARG B 166 -14.24 10.41 -2.67
CA ARG B 166 -14.46 9.09 -2.13
C ARG B 166 -14.05 7.95 -3.07
N GLY B 167 -13.38 6.96 -2.49
CA GLY B 167 -13.09 5.68 -3.15
C GLY B 167 -13.18 4.59 -2.09
N ALA B 168 -12.73 3.38 -2.43
CA ALA B 168 -12.52 2.31 -1.45
C ALA B 168 -11.35 1.48 -1.95
N GLY B 169 -10.61 0.87 -1.02
CA GLY B 169 -9.57 -0.09 -1.38
C GLY B 169 -8.58 0.48 -2.38
N THR B 170 -8.25 -0.30 -3.40
CA THR B 170 -7.27 0.15 -4.38
C THR B 170 -7.74 1.30 -5.22
N LEU B 171 -9.07 1.47 -5.35
CA LEU B 171 -9.58 2.63 -6.03
C LEU B 171 -9.19 3.92 -5.28
N SER B 172 -9.12 3.87 -3.96
CA SER B 172 -8.54 5.00 -3.21
C SER B 172 -7.05 5.17 -3.49
N ALA B 173 -6.33 4.05 -3.62
CA ALA B 173 -4.90 4.16 -3.93
C ALA B 173 -4.72 4.85 -5.30
N ILE B 174 -5.60 4.49 -6.24
CA ILE B 174 -5.58 5.15 -7.54
C ILE B 174 -5.83 6.64 -7.40
N LEU B 175 -6.82 7.03 -6.61
CA LEU B 175 -7.10 8.46 -6.45
C LEU B 175 -5.90 9.23 -5.92
N GLU B 176 -5.19 8.63 -4.97
CA GLU B 176 -4.04 9.30 -4.42
C GLU B 176 -2.93 9.46 -5.44
N LYS B 177 -2.77 8.49 -6.33
CA LYS B 177 -1.75 8.59 -7.39
C LYS B 177 -2.14 9.64 -8.40
N LEU B 178 -3.45 9.82 -8.58
CA LEU B 178 -3.94 10.91 -9.44
C LEU B 178 -3.87 12.28 -8.79
N GLY B 179 -3.47 12.37 -7.53
CA GLY B 179 -3.32 13.66 -6.88
C GLY B 179 -4.52 14.13 -6.05
N ALA B 180 -5.62 13.36 -6.08
CA ALA B 180 -6.77 13.69 -5.25
C ALA B 180 -6.45 13.30 -3.80
N THR B 181 -7.26 13.78 -2.87
CA THR B 181 -7.23 13.30 -1.49
C THR B 181 -8.32 12.25 -1.35
N PRO B 182 -7.93 10.98 -1.31
CA PRO B 182 -8.98 9.97 -1.15
C PRO B 182 -9.55 9.89 0.25
N VAL B 183 -10.85 9.65 0.30
CA VAL B 183 -11.52 9.36 1.55
C VAL B 183 -12.24 8.02 1.36
N SER B 184 -11.83 6.98 2.08
CA SER B 184 -12.40 5.65 1.88
C SER B 184 -13.65 5.40 2.74
N MET B 185 -14.71 4.93 2.11
CA MET B 185 -15.93 4.60 2.83
C MET B 185 -16.84 3.77 1.93
N PRO B 186 -17.68 2.95 2.55
CA PRO B 186 -18.66 2.17 1.79
C PRO B 186 -19.78 3.04 1.20
N MET B 187 -20.37 2.58 0.09
CA MET B 187 -21.33 3.38 -0.68
C MET B 187 -22.47 4.01 0.16
N PRO B 188 -23.03 3.27 1.15
CA PRO B 188 -24.18 3.87 1.82
C PRO B 188 -23.83 5.14 2.63
N GLU B 189 -22.55 5.37 2.90
CA GLU B 189 -22.12 6.51 3.68
C GLU B 189 -21.85 7.76 2.83
N VAL B 190 -21.81 7.59 1.52
CA VAL B 190 -21.35 8.65 0.63
C VAL B 190 -22.33 9.85 0.48
N PRO B 191 -23.65 9.60 0.41
CA PRO B 191 -24.52 10.77 0.33
C PRO B 191 -24.35 11.74 1.49
N GLU B 192 -24.34 11.25 2.72
CA GLU B 192 -24.09 12.09 3.90
C GLU B 192 -22.73 12.81 3.87
N ALA B 193 -21.68 12.09 3.43
CA ALA B 193 -20.37 12.72 3.32
C ALA B 193 -20.41 13.88 2.34
N VAL B 194 -21.14 13.74 1.23
CA VAL B 194 -21.17 14.82 0.23
C VAL B 194 -21.97 15.97 0.79
N GLN B 195 -23.13 15.63 1.33
CA GLN B 195 -24.04 16.60 1.93
C GLN B 195 -23.36 17.43 3.02
N LYS B 196 -22.55 16.80 3.86
CA LYS B 196 -21.88 17.49 4.96
C LYS B 196 -20.53 18.11 4.57
N GLY B 197 -20.10 17.93 3.32
CA GLY B 197 -18.84 18.50 2.86
C GLY B 197 -17.56 17.82 3.30
N ILE B 198 -17.66 16.58 3.76
CA ILE B 198 -16.48 15.79 4.10
C ILE B 198 -15.77 15.37 2.81
N ILE B 199 -16.52 15.25 1.73
CA ILE B 199 -15.94 14.98 0.41
C ILE B 199 -16.60 15.89 -0.60
N LYS B 200 -15.94 16.10 -1.73
CA LYS B 200 -16.45 16.95 -2.82
C LYS B 200 -16.79 16.15 -4.06
N GLY B 201 -16.71 14.83 -3.96
CA GLY B 201 -17.00 14.01 -5.10
C GLY B 201 -16.79 12.54 -4.79
N LEU B 202 -17.00 11.69 -5.79
CA LEU B 202 -16.82 10.26 -5.64
C LEU B 202 -16.35 9.68 -6.98
N PHE B 203 -15.80 8.48 -6.92
CA PHE B 203 -15.06 7.88 -8.01
C PHE B 203 -15.61 6.47 -8.09
N THR B 204 -16.54 6.30 -9.00
CA THR B 204 -17.18 5.02 -9.21
C THR B 204 -17.99 5.07 -10.50
N SER B 205 -18.81 4.06 -10.75
CA SER B 205 -19.60 4.02 -11.99
C SER B 205 -20.82 4.94 -11.91
N LEU B 206 -21.33 5.32 -13.08
CA LEU B 206 -22.28 6.43 -13.18
C LEU B 206 -23.74 6.05 -12.97
N ASP B 207 -24.01 4.75 -12.80
CA ASP B 207 -25.34 4.28 -12.42
C ASP B 207 -25.86 5.02 -11.21
N VAL B 208 -24.96 5.39 -10.30
CA VAL B 208 -25.39 5.98 -9.03
C VAL B 208 -25.90 7.42 -9.20
N MET B 209 -25.63 8.02 -10.35
CA MET B 209 -26.17 9.38 -10.58
C MET B 209 -27.68 9.36 -10.43
N LYS B 210 -28.31 8.33 -10.99
CA LYS B 210 -29.74 8.09 -10.82
C LYS B 210 -30.07 7.24 -9.62
N ASP B 211 -29.38 6.11 -9.43
CA ASP B 211 -29.81 5.10 -8.46
C ASP B 211 -29.66 5.55 -7.00
N MET B 212 -28.72 6.47 -6.75
CA MET B 212 -28.62 7.11 -5.43
C MET B 212 -28.76 8.63 -5.47
N ASN B 213 -29.30 9.08 -6.58
CA ASN B 213 -29.59 10.49 -6.75
C ASN B 213 -28.37 11.39 -6.62
N PHE B 214 -27.18 10.91 -7.01
CA PHE B 214 -26.03 11.83 -6.97
C PHE B 214 -26.16 12.97 -7.97
N ALA B 215 -26.98 12.81 -9.02
CA ALA B 215 -27.29 13.90 -9.96
C ALA B 215 -27.73 15.20 -9.28
N GLU B 216 -28.37 15.07 -8.11
CA GLU B 216 -28.84 16.22 -7.34
C GLU B 216 -27.82 16.71 -6.31
N MET B 217 -26.64 16.08 -6.30
CA MET B 217 -25.60 16.37 -5.31
C MET B 217 -24.27 16.77 -5.96
N THR B 218 -23.90 16.03 -7.01
CA THR B 218 -22.68 16.26 -7.77
C THR B 218 -23.10 16.51 -9.22
N GLY B 219 -23.10 17.78 -9.62
CA GLY B 219 -23.55 18.15 -10.95
C GLY B 219 -22.52 18.16 -12.06
N HIS B 220 -21.34 17.63 -11.77
CA HIS B 220 -20.28 17.53 -12.76
C HIS B 220 -19.72 16.12 -12.83
N VAL B 221 -19.49 15.66 -14.05
CA VAL B 221 -18.89 14.34 -14.27
C VAL B 221 -17.70 14.52 -15.15
N THR B 222 -16.60 13.89 -14.77
CA THR B 222 -15.40 13.88 -15.57
C THR B 222 -15.03 12.45 -15.94
N ARG B 223 -14.96 12.20 -17.24
CA ARG B 223 -14.52 10.91 -17.76
C ARG B 223 -13.12 10.56 -17.26
N ALA B 224 -12.95 9.34 -16.74
CA ALA B 224 -11.67 8.81 -16.29
C ALA B 224 -11.38 7.44 -16.88
N ASP B 225 -12.44 6.70 -17.23
CA ASP B 225 -12.30 5.33 -17.80
C ASP B 225 -11.41 4.46 -16.91
N GLN B 226 -11.75 4.40 -15.64
CA GLN B 226 -10.84 3.83 -14.67
C GLN B 226 -11.29 2.42 -14.22
N ALA B 227 -10.54 1.89 -13.26
CA ALA B 227 -10.80 0.57 -12.68
C ALA B 227 -12.26 0.40 -12.25
N VAL B 228 -12.67 -0.86 -12.18
CA VAL B 228 -14.00 -1.27 -11.66
C VAL B 228 -13.90 -1.73 -10.20
N TYR B 229 -15.04 -1.77 -9.51
CA TYR B 229 -15.14 -2.40 -8.20
C TYR B 229 -15.67 -3.84 -8.37
N PRO B 230 -14.90 -4.85 -7.91
CA PRO B 230 -15.33 -6.25 -7.93
C PRO B 230 -16.14 -6.65 -6.70
N PHE B 231 -17.14 -7.50 -6.92
CA PHE B 231 -18.01 -7.98 -5.87
C PHE B 231 -17.99 -9.49 -5.87
N ALA B 232 -18.25 -10.06 -4.70
CA ALA B 232 -18.56 -11.50 -4.58
C ALA B 232 -19.92 -11.74 -3.91
N VAL B 233 -20.66 -12.71 -4.42
CA VAL B 233 -21.90 -13.15 -3.77
C VAL B 233 -21.44 -14.41 -3.02
N ILE B 234 -21.48 -14.32 -1.71
CA ILE B 234 -20.91 -15.35 -0.86
C ILE B 234 -21.97 -16.05 -0.04
N MET B 235 -21.70 -17.32 0.29
CA MET B 235 -22.65 -18.09 1.05
C MET B 235 -21.95 -18.77 2.20
N ASN B 236 -22.65 -18.81 3.33
CA ASN B 236 -22.18 -19.49 4.53
C ASN B 236 -21.89 -20.94 4.19
N ARG B 237 -20.71 -21.40 4.57
CA ARG B 237 -20.24 -22.73 4.20
C ARG B 237 -21.18 -23.84 4.68
N GLU B 238 -21.64 -23.72 5.93
CA GLU B 238 -22.54 -24.73 6.49
C GLU B 238 -23.90 -24.73 5.76
N ALA B 239 -24.34 -23.56 5.33
CA ALA B 239 -25.60 -23.47 4.62
C ALA B 239 -25.49 -24.13 3.26
N TRP B 240 -24.36 -23.90 2.59
CA TRP B 240 -24.09 -24.50 1.29
C TRP B 240 -24.05 -26.01 1.42
N GLU B 241 -23.36 -26.48 2.45
CA GLU B 241 -23.21 -27.90 2.70
C GLU B 241 -24.54 -28.61 3.02
N ARG B 242 -25.52 -27.85 3.51
CA ARG B 242 -26.84 -28.41 3.81
C ARG B 242 -27.71 -28.56 2.56
N LEU B 243 -27.27 -28.00 1.43
CA LEU B 243 -27.97 -28.18 0.16
C LEU B 243 -27.60 -29.53 -0.46
N SER B 244 -28.55 -30.12 -1.19
CA SER B 244 -28.33 -31.41 -1.85
C SER B 244 -27.47 -31.25 -3.07
N PRO B 245 -26.86 -32.35 -3.53
CA PRO B 245 -25.99 -32.21 -4.71
C PRO B 245 -26.73 -31.64 -5.92
N ASP B 246 -27.97 -32.04 -6.15
CA ASP B 246 -28.78 -31.53 -7.28
C ASP B 246 -28.99 -30.01 -7.21
N VAL B 247 -29.33 -29.51 -6.02
CA VAL B 247 -29.50 -28.08 -5.82
C VAL B 247 -28.17 -27.35 -5.94
N GLN B 248 -27.11 -27.93 -5.39
CA GLN B 248 -25.79 -27.30 -5.55
C GLN B 248 -25.43 -27.13 -7.01
N GLN B 249 -25.72 -28.15 -7.81
CA GLN B 249 -25.40 -28.10 -9.24
C GLN B 249 -26.23 -27.00 -9.94
N VAL B 250 -27.46 -26.80 -9.51
CA VAL B 250 -28.26 -25.74 -10.09
C VAL B 250 -27.63 -24.35 -9.82
N LEU B 251 -27.23 -24.12 -8.58
CA LEU B 251 -26.66 -22.83 -8.21
C LEU B 251 -25.32 -22.62 -8.91
N ASP B 252 -24.51 -23.67 -8.97
CA ASP B 252 -23.25 -23.58 -9.69
C ASP B 252 -23.49 -23.29 -11.16
N GLY B 253 -24.56 -23.84 -11.72
CA GLY B 253 -24.84 -23.75 -13.14
C GLY B 253 -25.39 -22.39 -13.54
N LEU B 254 -25.74 -21.59 -12.55
CA LEU B 254 -26.23 -20.24 -12.79
C LEU B 254 -25.10 -19.18 -12.74
N ALA B 255 -23.96 -19.53 -12.15
CA ALA B 255 -22.97 -18.52 -11.78
C ALA B 255 -22.44 -17.68 -12.93
N ALA B 256 -22.00 -18.33 -14.01
CA ALA B 256 -21.37 -17.62 -15.12
C ALA B 256 -22.39 -16.76 -15.86
N GLU B 257 -23.55 -17.34 -16.16
CA GLU B 257 -24.60 -16.60 -16.86
C GLU B 257 -25.00 -15.39 -16.06
N HIS B 258 -25.05 -15.55 -14.73
CA HIS B 258 -25.45 -14.44 -13.87
C HIS B 258 -24.40 -13.31 -13.77
N ALA B 259 -23.12 -13.67 -13.79
CA ALA B 259 -22.05 -12.68 -13.86
C ALA B 259 -22.25 -11.80 -15.09
N ALA B 260 -22.46 -12.42 -16.25
CA ALA B 260 -22.61 -11.69 -17.51
C ALA B 260 -23.89 -10.86 -17.51
N TRP B 261 -24.99 -11.46 -17.05
CA TRP B 261 -26.30 -10.78 -16.93
C TRP B 261 -26.17 -9.46 -16.17
N THR B 262 -25.48 -9.52 -15.05
CA THR B 262 -25.34 -8.40 -14.14
C THR B 262 -24.57 -7.26 -14.81
N GLY B 263 -23.44 -7.58 -15.44
CA GLY B 263 -22.69 -6.54 -16.13
C GLY B 263 -23.44 -5.98 -17.32
N ARG B 264 -24.17 -6.85 -18.01
CA ARG B 264 -24.96 -6.44 -19.16
C ARG B 264 -26.08 -5.47 -18.74
N TYR B 265 -26.75 -5.82 -17.66
CA TYR B 265 -27.77 -4.95 -17.08
C TYR B 265 -27.14 -3.59 -16.77
N LEU B 266 -25.99 -3.62 -16.09
CA LEU B 266 -25.39 -2.41 -15.60
C LEU B 266 -24.90 -1.49 -16.72
N ASP B 267 -24.32 -2.07 -17.78
CA ASP B 267 -23.85 -1.25 -18.89
C ASP B 267 -25.02 -0.47 -19.50
N ALA B 268 -26.18 -1.11 -19.64
CA ALA B 268 -27.32 -0.44 -20.27
C ALA B 268 -27.86 0.59 -19.29
N HIS B 269 -27.83 0.25 -18.00
CA HIS B 269 -28.37 1.14 -16.99
C HIS B 269 -27.53 2.41 -16.80
N VAL B 270 -26.21 2.31 -16.96
CA VAL B 270 -25.36 3.46 -16.86
C VAL B 270 -25.74 4.51 -17.91
N GLN B 271 -26.11 4.06 -19.10
CA GLN B 271 -26.53 4.97 -20.16
C GLN B 271 -27.86 5.59 -19.81
N ASP B 272 -28.82 4.78 -19.33
CA ASP B 272 -30.11 5.33 -18.88
C ASP B 272 -29.93 6.37 -17.77
N SER B 273 -29.06 6.05 -16.80
CA SER B 273 -28.76 6.94 -15.67
C SER B 273 -28.20 8.28 -16.12
N MET B 274 -27.21 8.25 -17.00
CA MET B 274 -26.59 9.49 -17.47
C MET B 274 -27.51 10.30 -18.37
N ARG B 275 -28.33 9.64 -19.17
CA ARG B 275 -29.32 10.35 -19.99
C ARG B 275 -30.27 11.15 -19.07
N TRP B 276 -30.76 10.47 -18.04
CA TRP B 276 -31.63 11.07 -17.04
C TRP B 276 -30.94 12.21 -16.28
N ALA B 277 -29.65 12.07 -16.00
CA ALA B 277 -28.97 13.07 -15.18
C ALA B 277 -28.76 14.35 -15.98
N GLU B 278 -28.37 14.18 -17.23
CA GLU B 278 -28.11 15.30 -18.13
C GLU B 278 -29.38 16.04 -18.52
N GLU B 279 -30.41 15.28 -18.82
CA GLU B 279 -31.64 15.88 -19.35
C GLU B 279 -32.52 16.46 -18.24
N LYS B 280 -32.45 15.87 -17.06
CA LYS B 280 -33.35 16.28 -16.00
C LYS B 280 -32.65 17.05 -14.89
N HIS B 281 -31.34 16.96 -14.80
CA HIS B 281 -30.65 17.65 -13.71
C HIS B 281 -29.48 18.51 -14.15
N GLY B 282 -29.38 18.76 -15.45
CA GLY B 282 -28.38 19.68 -16.00
C GLY B 282 -26.92 19.28 -15.75
N VAL B 283 -26.67 17.99 -15.57
CA VAL B 283 -25.31 17.56 -15.26
C VAL B 283 -24.38 17.90 -16.42
N GLN B 284 -23.20 18.40 -16.08
CA GLN B 284 -22.21 18.79 -17.06
C GLN B 284 -21.19 17.69 -17.12
N VAL B 285 -20.75 17.34 -18.32
CA VAL B 285 -19.76 16.29 -18.51
C VAL B 285 -18.47 16.89 -19.07
N HIS B 286 -17.34 16.43 -18.56
CA HIS B 286 -16.03 16.98 -18.93
C HIS B 286 -15.06 15.91 -19.29
N THR B 287 -14.04 16.30 -20.05
CA THR B 287 -12.97 15.37 -20.33
C THR B 287 -11.63 15.96 -19.95
N LEU B 288 -10.65 15.09 -19.80
CA LEU B 288 -9.31 15.51 -19.44
C LEU B 288 -8.41 15.64 -20.68
N PRO B 289 -7.44 16.57 -20.63
CA PRO B 289 -6.51 16.66 -21.76
C PRO B 289 -5.69 15.38 -21.91
N GLU B 290 -5.32 15.08 -23.15
CA GLU B 290 -4.50 13.90 -23.44
C GLU B 290 -3.24 13.80 -22.59
N GLU B 291 -2.55 14.94 -22.39
CA GLU B 291 -1.35 14.95 -21.56
C GLU B 291 -1.61 14.51 -20.10
N ASP B 292 -2.72 14.98 -19.55
CA ASP B 292 -3.06 14.63 -18.19
C ASP B 292 -3.36 13.14 -18.11
N ILE B 293 -4.03 12.59 -19.12
CA ILE B 293 -4.34 11.16 -19.10
C ILE B 293 -3.09 10.29 -19.14
N ALA B 294 -2.11 10.70 -19.93
CA ALA B 294 -0.85 9.97 -20.03
C ALA B 294 -0.09 10.00 -18.69
N ALA B 295 -0.08 11.18 -18.05
CA ALA B 295 0.60 11.35 -16.77
C ALA B 295 -0.06 10.51 -15.70
N MET B 296 -1.39 10.52 -15.68
CA MET B 296 -2.16 9.70 -14.77
C MET B 296 -1.91 8.21 -14.94
N ARG B 297 -1.88 7.71 -16.16
CA ARG B 297 -1.52 6.29 -16.34
C ARG B 297 -0.15 5.95 -15.76
N ARG B 298 0.84 6.78 -16.02
CA ARG B 298 2.17 6.55 -15.49
C ARG B 298 2.20 6.53 -13.98
N SER B 299 1.46 7.45 -13.37
CA SER B 299 1.49 7.58 -11.93
C SER B 299 0.93 6.33 -11.27
N VAL B 300 -0.01 5.68 -11.94
CA VAL B 300 -0.66 4.49 -11.35
C VAL B 300 0.10 3.20 -11.64
N GLN B 301 1.07 3.22 -12.55
CA GLN B 301 1.81 1.99 -12.87
C GLN B 301 2.38 1.27 -11.64
N PRO B 302 2.93 2.00 -10.66
CA PRO B 302 3.54 1.30 -9.52
C PRO B 302 2.55 0.52 -8.63
N LEU B 303 1.25 0.80 -8.76
CA LEU B 303 0.29 0.10 -7.96
C LEU B 303 0.22 -1.38 -8.35
N PHE B 304 0.53 -1.68 -9.62
CA PHE B 304 0.56 -3.07 -10.07
C PHE B 304 1.71 -3.85 -9.42
N ASP B 305 2.87 -3.20 -9.28
CA ASP B 305 4.02 -3.79 -8.58
C ASP B 305 3.71 -4.00 -7.12
N ALA B 306 2.97 -3.06 -6.53
CA ALA B 306 2.64 -3.13 -5.12
C ALA B 306 1.65 -4.29 -4.89
N TRP B 307 0.65 -4.39 -5.76
CA TRP B 307 -0.31 -5.51 -5.72
C TRP B 307 0.45 -6.84 -5.80
N ALA B 308 1.36 -6.97 -6.76
CA ALA B 308 2.06 -8.25 -6.98
C ALA B 308 2.89 -8.65 -5.77
N GLN B 309 3.56 -7.66 -5.19
CA GLN B 309 4.41 -7.91 -4.03
C GLN B 309 3.57 -8.34 -2.81
N ARG B 310 2.44 -7.69 -2.60
CA ARG B 310 1.56 -8.09 -1.49
C ARG B 310 1.03 -9.52 -1.71
N ALA B 311 0.69 -9.86 -2.96
CA ALA B 311 0.19 -11.21 -3.26
C ALA B 311 1.28 -12.25 -2.96
N ALA B 312 2.50 -11.95 -3.37
CA ALA B 312 3.63 -12.85 -3.14
C ALA B 312 3.89 -12.99 -1.65
N ASP B 313 3.78 -11.89 -0.92
CA ASP B 313 3.94 -11.93 0.54
C ASP B 313 2.93 -12.87 1.17
N LYS B 314 1.74 -12.96 0.59
CA LYS B 314 0.66 -13.78 1.18
C LYS B 314 0.70 -15.19 0.60
N GLY B 315 1.68 -15.47 -0.22
CA GLY B 315 1.91 -16.84 -0.62
C GLY B 315 1.32 -17.11 -1.98
N ALA B 316 0.76 -16.08 -2.61
CA ALA B 316 0.16 -16.28 -3.92
C ALA B 316 1.18 -16.11 -5.06
N ASP B 317 0.74 -16.41 -6.28
CA ASP B 317 1.59 -16.33 -7.48
C ASP B 317 1.10 -15.23 -8.41
N PRO B 318 1.58 -14.00 -8.21
CA PRO B 318 1.04 -12.93 -9.07
C PRO B 318 1.34 -13.08 -10.55
N ASP B 319 2.46 -13.72 -10.92
CA ASP B 319 2.77 -13.91 -12.32
C ASP B 319 1.68 -14.75 -12.94
N ALA B 320 1.25 -15.78 -12.23
CA ALA B 320 0.28 -16.69 -12.79
C ALA B 320 -1.07 -15.98 -12.88
N VAL B 321 -1.37 -15.12 -11.93
CA VAL B 321 -2.63 -14.36 -11.94
C VAL B 321 -2.69 -13.45 -13.15
N MET B 322 -1.59 -12.76 -13.44
CA MET B 322 -1.62 -11.84 -14.55
C MET B 322 -1.65 -12.58 -15.90
N ARG B 323 -0.95 -13.72 -15.98
CA ARG B 323 -0.99 -14.61 -17.14
C ARG B 323 -2.46 -15.03 -17.42
N THR B 324 -3.19 -15.38 -16.36
CA THR B 324 -4.60 -15.80 -16.48
C THR B 324 -5.52 -14.64 -16.89
N VAL B 325 -5.36 -13.50 -16.25
CA VAL B 325 -6.16 -12.31 -16.62
C VAL B 325 -5.95 -12.03 -18.11
N ASP B 326 -4.69 -12.03 -18.54
CA ASP B 326 -4.34 -11.74 -19.92
C ASP B 326 -4.99 -12.72 -20.90
N ALA B 327 -4.94 -14.01 -20.61
CA ALA B 327 -5.53 -15.03 -21.49
C ALA B 327 -7.06 -14.95 -21.53
N LEU B 328 -7.66 -14.66 -20.39
CA LEU B 328 -9.13 -14.59 -20.33
C LEU B 328 -9.66 -13.37 -21.09
N LYS B 329 -8.97 -12.23 -20.94
CA LYS B 329 -9.32 -11.06 -21.74
C LYS B 329 -9.19 -11.36 -23.25
N ALA B 330 -8.14 -12.07 -23.64
CA ALA B 330 -7.97 -12.43 -25.06
C ALA B 330 -9.06 -13.39 -25.53
N GLN B 331 -9.40 -14.38 -24.70
CA GLN B 331 -10.37 -15.41 -25.09
C GLN B 331 -11.77 -14.88 -25.12
N TYR B 332 -11.94 -13.70 -24.55
CA TYR B 332 -13.28 -13.21 -24.30
C TYR B 332 -13.99 -12.79 -25.58
N PRO C 25 13.01 20.14 38.68
CA PRO C 25 12.13 19.11 38.09
C PRO C 25 12.92 17.90 37.61
N VAL C 26 12.28 16.74 37.57
CA VAL C 26 12.99 15.53 37.19
C VAL C 26 12.15 14.69 36.27
N THR C 27 12.83 13.89 35.45
CA THR C 27 12.16 13.00 34.52
C THR C 27 12.60 11.55 34.76
N LEU C 28 11.61 10.70 35.03
CA LEU C 28 11.88 9.30 35.34
C LEU C 28 11.58 8.40 34.13
N ASN C 29 12.45 7.43 33.87
CA ASN C 29 12.24 6.49 32.78
C ASN C 29 11.52 5.26 33.29
N TYR C 30 10.37 4.96 32.69
CA TYR C 30 9.54 3.83 33.11
C TYR C 30 9.54 2.81 31.99
N ALA C 31 10.18 1.66 32.24
CA ALA C 31 10.26 0.59 31.25
C ALA C 31 9.07 -0.35 31.37
N ASN C 32 8.54 -0.81 30.24
CA ASN C 32 7.54 -1.87 30.26
C ASN C 32 7.77 -2.86 29.14
N PHE C 33 7.18 -4.05 29.25
CA PHE C 33 7.48 -5.13 28.34
C PHE C 33 6.44 -5.44 27.23
N PRO C 34 5.13 -5.34 27.51
CA PRO C 34 4.16 -5.67 26.46
C PRO C 34 3.79 -4.48 25.59
N PRO C 35 2.93 -4.70 24.57
CA PRO C 35 2.56 -3.59 23.69
C PRO C 35 1.75 -2.52 24.38
N ALA C 36 1.82 -1.31 23.84
CA ALA C 36 1.17 -0.14 24.45
C ALA C 36 -0.33 -0.35 24.69
N SER C 37 -0.98 -1.14 23.84
CA SER C 37 -2.42 -1.34 23.97
C SER C 37 -2.82 -2.22 25.16
N THR C 38 -1.89 -3.02 25.69
CA THR C 38 -2.19 -3.94 26.78
C THR C 38 -2.27 -3.26 28.16
N PHE C 39 -2.94 -3.94 29.09
CA PHE C 39 -3.30 -3.33 30.34
C PHE C 39 -2.09 -2.96 31.21
N PRO C 40 -0.97 -3.69 31.11
CA PRO C 40 0.11 -3.19 31.97
C PRO C 40 0.69 -1.87 31.46
N CYS C 41 0.57 -1.59 30.17
CA CYS C 41 1.04 -0.32 29.65
C CYS C 41 -0.01 0.79 29.84
N ILE C 42 -1.27 0.43 29.66
CA ILE C 42 -2.38 1.35 29.94
C ILE C 42 -2.29 1.86 31.37
N GLN C 43 -2.05 0.98 32.34
CA GLN C 43 -1.98 1.42 33.72
C GLN C 43 -0.75 2.27 33.97
N MET C 44 0.35 1.96 33.27
CA MET C 44 1.55 2.78 33.36
C MET C 44 1.28 4.26 32.93
N GLU C 45 0.55 4.43 31.84
CA GLU C 45 0.27 5.76 31.33
C GLU C 45 -0.63 6.52 32.30
N GLN C 46 -1.59 5.79 32.90
CA GLN C 46 -2.47 6.38 33.91
C GLN C 46 -1.67 6.83 35.13
N TRP C 47 -0.81 5.96 35.64
CA TRP C 47 0.05 6.26 36.80
C TRP C 47 0.94 7.47 36.48
N ALA C 48 1.57 7.48 35.31
CA ALA C 48 2.36 8.64 34.90
C ALA C 48 1.53 9.93 34.89
N HIS C 49 0.31 9.87 34.38
CA HIS C 49 -0.59 10.99 34.34
C HIS C 49 -0.82 11.54 35.73
N GLU C 50 -1.04 10.65 36.70
CA GLU C 50 -1.34 11.12 38.06
C GLU C 50 -0.10 11.69 38.73
N VAL C 51 1.06 11.12 38.43
CA VAL C 51 2.32 11.65 38.96
C VAL C 51 2.56 13.07 38.44
N ARG C 52 2.37 13.30 37.15
CA ARG C 52 2.53 14.66 36.61
C ARG C 52 1.55 15.61 37.28
N THR C 53 0.29 15.19 37.37
CA THR C 53 -0.78 16.05 37.87
C THR C 53 -0.58 16.38 39.32
N ARG C 54 -0.38 15.33 40.12
CA ARG C 54 -0.22 15.53 41.57
C ARG C 54 1.06 16.24 41.98
N THR C 55 2.12 16.15 41.17
CA THR C 55 3.36 16.89 41.46
C THR C 55 3.42 18.26 40.76
N ARG C 56 2.30 18.68 40.20
CA ARG C 56 2.20 19.96 39.47
C ARG C 56 3.29 20.15 38.42
N GLY C 57 3.59 19.08 37.68
CA GLY C 57 4.57 19.13 36.61
C GLY C 57 6.01 19.01 37.06
N LYS C 58 6.24 18.88 38.37
CA LYS C 58 7.60 18.81 38.90
C LYS C 58 8.26 17.47 38.57
N VAL C 59 7.46 16.42 38.41
CA VAL C 59 7.95 15.14 37.98
C VAL C 59 7.29 14.73 36.67
N ASP C 60 8.11 14.33 35.71
CA ASP C 60 7.59 13.79 34.47
C ASP C 60 8.07 12.35 34.36
N VAL C 61 7.38 11.58 33.54
CA VAL C 61 7.70 10.19 33.31
C VAL C 61 7.77 9.96 31.81
N LEU C 62 8.91 9.44 31.36
CA LEU C 62 9.07 9.01 29.99
C LEU C 62 8.86 7.51 29.96
N THR C 63 7.85 7.07 29.23
CA THR C 63 7.46 5.66 29.22
C THR C 63 7.99 4.93 27.99
N TYR C 64 8.25 3.63 28.14
CA TYR C 64 8.90 2.84 27.09
C TYR C 64 8.14 1.52 26.96
N PRO C 65 6.95 1.59 26.37
CA PRO C 65 6.18 0.38 26.20
C PRO C 65 6.90 -0.52 25.21
N GLY C 66 6.53 -1.80 25.19
CA GLY C 66 6.95 -2.68 24.11
C GLY C 66 8.38 -3.17 24.18
N GLY C 67 8.99 -3.08 25.35
CA GLY C 67 10.31 -3.61 25.59
C GLY C 67 11.50 -2.88 24.99
N THR C 68 11.33 -1.60 24.66
CA THR C 68 12.36 -0.83 23.97
C THR C 68 13.49 -0.38 24.90
N LEU C 69 13.24 -0.44 26.19
CA LEU C 69 14.26 -0.09 27.16
C LEU C 69 14.68 -1.36 27.90
N LEU C 70 13.71 -2.02 28.50
CA LEU C 70 13.90 -3.33 29.08
C LEU C 70 12.74 -4.20 28.68
N GLY C 71 13.01 -5.50 28.56
CA GLY C 71 12.01 -6.47 28.19
C GLY C 71 11.50 -7.26 29.38
N ALA C 72 10.75 -8.32 29.11
CA ALA C 72 10.08 -9.11 30.14
C ALA C 72 11.05 -9.75 31.11
N ARG C 73 12.14 -10.30 30.61
CA ARG C 73 13.00 -11.10 31.46
C ARG C 73 14.14 -10.34 32.13
N ASN C 74 14.55 -9.19 31.56
CA ASN C 74 15.63 -8.44 32.16
C ASN C 74 15.09 -7.21 32.88
N MET C 75 13.78 -7.16 33.06
CA MET C 75 13.13 -6.04 33.73
C MET C 75 13.62 -5.87 35.16
N LEU C 76 13.63 -6.95 35.94
CA LEU C 76 14.02 -6.86 37.34
C LEU C 76 15.48 -6.43 37.50
N ARG C 77 16.37 -7.11 36.78
CA ARG C 77 17.78 -6.83 36.88
C ARG C 77 18.07 -5.42 36.40
N GLY C 78 17.38 -5.02 35.32
CA GLY C 78 17.62 -3.74 34.70
C GLY C 78 17.19 -2.56 35.54
N VAL C 79 16.13 -2.74 36.31
CA VAL C 79 15.71 -1.72 37.26
C VAL C 79 16.69 -1.68 38.43
N MET C 80 17.11 -2.86 38.91
CA MET C 80 18.03 -2.91 40.02
C MET C 80 19.36 -2.26 39.64
N SER C 81 19.78 -2.42 38.38
CA SER C 81 21.06 -1.87 37.95
C SER C 81 20.96 -0.39 37.62
N GLY C 82 19.75 0.13 37.48
CA GLY C 82 19.54 1.54 37.19
C GLY C 82 19.42 1.83 35.71
N GLN C 83 19.43 0.80 34.87
CA GLN C 83 19.24 0.98 33.43
C GLN C 83 17.88 1.64 33.16
N ALA C 84 16.92 1.40 34.05
CA ALA C 84 15.65 2.13 34.06
C ALA C 84 15.37 2.58 35.48
N ASP C 85 14.62 3.67 35.64
CA ASP C 85 14.25 4.13 36.97
C ASP C 85 13.13 3.28 37.52
N ILE C 86 12.13 3.03 36.67
CA ILE C 86 10.95 2.27 37.04
C ILE C 86 10.68 1.17 36.04
N GLY C 87 10.05 0.11 36.49
CA GLY C 87 9.69 -0.95 35.60
C GLY C 87 8.48 -1.69 36.11
N CYS C 88 7.90 -2.52 35.26
CA CYS C 88 6.74 -3.33 35.58
C CYS C 88 7.11 -4.80 35.37
N ILE C 89 7.07 -5.59 36.45
CA ILE C 89 7.39 -7.00 36.38
C ILE C 89 6.15 -7.87 36.59
N SER C 90 6.10 -8.98 35.87
CA SER C 90 5.11 -10.00 36.16
C SER C 90 5.82 -11.02 37.04
N LEU C 91 5.40 -11.17 38.31
CA LEU C 91 6.11 -12.04 39.24
C LEU C 91 6.33 -13.46 38.71
N ALA C 92 5.39 -13.96 37.92
CA ALA C 92 5.43 -15.34 37.41
C ALA C 92 6.63 -15.60 36.52
N TYR C 93 7.26 -14.53 36.05
CA TYR C 93 8.42 -14.68 35.17
C TYR C 93 9.72 -14.88 35.95
N HIS C 94 9.64 -14.94 37.28
CA HIS C 94 10.84 -14.96 38.11
C HIS C 94 10.83 -16.08 39.15
N PRO C 95 10.93 -17.33 38.69
CA PRO C 95 10.87 -18.52 39.54
C PRO C 95 11.83 -18.45 40.74
N GLY C 96 11.30 -18.76 41.93
CA GLY C 96 12.11 -18.78 43.14
C GLY C 96 12.32 -17.44 43.83
N VAL C 97 12.15 -16.34 43.11
CA VAL C 97 12.49 -15.01 43.61
C VAL C 97 11.44 -14.45 44.60
N PHE C 98 10.19 -14.85 44.43
CA PHE C 98 9.10 -14.32 45.23
C PHE C 98 8.33 -15.41 45.98
N PRO C 99 8.98 -15.99 47.00
CA PRO C 99 8.36 -17.14 47.66
C PRO C 99 7.04 -16.79 48.34
N VAL C 100 6.91 -15.57 48.84
CA VAL C 100 5.69 -15.18 49.55
C VAL C 100 4.64 -14.64 48.57
N MET C 101 4.98 -13.60 47.81
CA MET C 101 3.99 -12.96 46.95
C MET C 101 3.53 -13.86 45.79
N SER C 102 4.30 -14.88 45.45
CA SER C 102 3.80 -15.89 44.52
C SER C 102 2.57 -16.64 45.06
N VAL C 103 2.14 -16.37 46.30
CA VAL C 103 0.89 -16.92 46.78
C VAL C 103 -0.20 -16.48 45.80
N PHE C 104 -0.05 -15.30 45.23
CA PHE C 104 -1.05 -14.74 44.32
C PHE C 104 -1.07 -15.34 42.93
N GLU C 105 -0.25 -16.36 42.70
CA GLU C 105 -0.33 -17.15 41.47
C GLU C 105 -1.14 -18.47 41.71
N LEU C 106 -1.59 -18.68 42.94
CA LEU C 106 -2.46 -19.82 43.24
C LEU C 106 -3.93 -19.52 42.93
N PRO C 107 -4.74 -20.57 42.76
CA PRO C 107 -6.16 -20.41 42.49
C PRO C 107 -6.93 -19.98 43.75
N LEU C 108 -6.84 -18.70 44.07
CA LEU C 108 -7.42 -18.13 45.30
C LEU C 108 -8.92 -17.83 45.19
N GLY C 109 -9.49 -18.00 44.00
CA GLY C 109 -10.92 -17.85 43.84
C GLY C 109 -11.38 -16.43 43.54
N PHE C 110 -10.46 -15.52 43.22
CA PHE C 110 -10.90 -14.15 42.90
C PHE C 110 -11.65 -14.19 41.59
N THR C 111 -12.72 -13.40 41.51
CA THR C 111 -13.50 -13.31 40.28
C THR C 111 -13.36 -11.97 39.60
N SER C 112 -12.65 -11.03 40.23
CA SER C 112 -12.31 -9.79 39.54
C SER C 112 -10.87 -9.28 39.78
N ALA C 113 -10.32 -8.62 38.79
CA ALA C 113 -9.01 -8.01 38.90
C ALA C 113 -9.01 -6.85 39.91
N GLU C 114 -10.12 -6.13 40.01
CA GLU C 114 -10.19 -5.01 40.96
C GLU C 114 -9.99 -5.52 42.39
N ALA C 115 -10.72 -6.58 42.74
CA ALA C 115 -10.61 -7.15 44.08
C ALA C 115 -9.23 -7.78 44.29
N ALA C 116 -8.82 -8.63 43.34
CA ALA C 116 -7.51 -9.26 43.42
C ALA C 116 -6.39 -8.22 43.55
N SER C 117 -6.47 -7.14 42.77
CA SER C 117 -5.41 -6.13 42.76
C SER C 117 -5.35 -5.43 44.12
N SER C 118 -6.52 -5.09 44.65
CA SER C 118 -6.55 -4.39 45.92
C SER C 118 -6.05 -5.27 47.04
N VAL C 119 -6.45 -6.55 47.02
CA VAL C 119 -5.97 -7.45 48.06
C VAL C 119 -4.47 -7.69 47.95
N LEU C 120 -3.96 -7.86 46.73
CA LEU C 120 -2.53 -8.06 46.52
C LEU C 120 -1.73 -6.93 47.15
N TRP C 121 -2.18 -5.70 46.89
CA TRP C 121 -1.49 -4.54 47.43
C TRP C 121 -1.66 -4.45 48.96
N GLU C 122 -2.86 -4.73 49.46
CA GLU C 122 -3.06 -4.69 50.92
C GLU C 122 -2.18 -5.75 51.60
N LEU C 123 -2.04 -6.92 50.96
CA LEU C 123 -1.23 -8.02 51.50
C LEU C 123 0.24 -7.61 51.55
N TYR C 124 0.77 -7.10 50.43
CA TYR C 124 2.17 -6.66 50.41
C TYR C 124 2.40 -5.50 51.38
N SER C 125 1.49 -4.54 51.36
CA SER C 125 1.61 -3.39 52.27
C SER C 125 1.79 -3.81 53.72
N GLY C 126 0.98 -4.77 54.17
CA GLY C 126 0.98 -5.18 55.56
C GLY C 126 2.07 -6.18 55.92
N LEU C 127 2.61 -6.87 54.93
CA LEU C 127 3.60 -7.92 55.20
C LEU C 127 5.04 -7.48 54.91
N ARG C 128 5.21 -6.64 53.88
CA ARG C 128 6.54 -6.20 53.40
C ARG C 128 7.60 -7.31 53.32
N PRO C 129 7.32 -8.39 52.59
CA PRO C 129 8.22 -9.54 52.62
C PRO C 129 9.60 -9.23 52.03
N ALA C 130 10.63 -9.77 52.66
CA ALA C 130 12.03 -9.46 52.35
C ALA C 130 12.46 -9.70 50.89
N GLU C 131 11.71 -10.55 50.18
CA GLU C 131 12.03 -10.86 48.79
C GLU C 131 12.04 -9.60 47.90
N LEU C 132 11.26 -8.61 48.30
CA LEU C 132 11.12 -7.40 47.51
C LEU C 132 11.91 -6.23 48.08
N GLU C 133 12.82 -6.52 49.02
CA GLU C 133 13.54 -5.44 49.73
C GLU C 133 14.57 -4.67 48.90
N ARG C 134 14.98 -5.21 47.76
CA ARG C 134 16.10 -4.64 47.01
C ARG C 134 15.62 -3.59 46.00
N VAL C 135 14.31 -3.43 45.89
CA VAL C 135 13.73 -2.40 45.07
C VAL C 135 12.72 -1.66 45.94
N LYS C 136 12.28 -0.51 45.45
CA LYS C 136 11.14 0.17 46.04
C LYS C 136 9.91 -0.35 45.30
N VAL C 137 8.90 -0.79 46.03
CA VAL C 137 7.65 -1.21 45.38
C VAL C 137 6.66 -0.03 45.38
N LEU C 138 6.34 0.47 44.19
CA LEU C 138 5.49 1.66 44.04
C LEU C 138 4.01 1.29 44.11
N THR C 139 3.65 0.16 43.53
CA THR C 139 2.29 -0.36 43.63
C THR C 139 2.30 -1.77 43.04
N MET C 140 1.16 -2.44 43.11
CA MET C 140 0.96 -3.76 42.54
C MET C 140 -0.47 -3.89 42.02
N PHE C 141 -0.67 -4.89 41.16
CA PHE C 141 -1.96 -5.19 40.60
C PHE C 141 -1.93 -6.61 39.99
N THR C 142 -3.09 -7.09 39.54
CA THR C 142 -3.19 -8.39 38.90
C THR C 142 -3.94 -8.36 37.57
N SER C 143 -3.81 -9.43 36.81
CA SER C 143 -4.66 -9.65 35.66
C SER C 143 -6.07 -10.00 36.15
N ALA C 144 -6.99 -10.25 35.24
CA ALA C 144 -8.29 -10.77 35.62
C ALA C 144 -8.15 -12.30 35.69
N PRO C 145 -9.18 -13.02 36.13
CA PRO C 145 -9.08 -14.49 36.17
C PRO C 145 -8.70 -15.13 34.84
N SER C 146 -7.93 -16.19 34.90
CA SER C 146 -7.47 -16.88 33.70
C SER C 146 -8.53 -17.81 33.10
N HIS C 147 -8.51 -17.89 31.78
CA HIS C 147 -9.38 -18.77 31.01
C HIS C 147 -8.55 -19.38 29.90
N PHE C 148 -9.08 -20.42 29.25
CA PHE C 148 -8.36 -21.00 28.13
C PHE C 148 -8.75 -20.27 26.82
N MET C 149 -7.73 -19.90 26.06
CA MET C 149 -7.92 -19.43 24.70
C MET C 149 -7.20 -20.45 23.81
N THR C 150 -7.94 -21.07 22.88
CA THR C 150 -7.39 -22.17 22.08
C THR C 150 -7.77 -22.14 20.58
N VAL C 151 -6.95 -22.79 19.76
CA VAL C 151 -7.16 -22.76 18.32
C VAL C 151 -8.30 -23.70 17.94
N THR C 152 -8.46 -24.77 18.71
CA THR C 152 -9.57 -25.71 18.55
C THR C 152 -10.40 -25.75 19.84
N PRO C 153 -11.69 -26.09 19.72
CA PRO C 153 -12.60 -26.07 20.86
C PRO C 153 -12.26 -27.09 21.96
N VAL C 154 -12.30 -26.62 23.20
CA VAL C 154 -12.07 -27.43 24.39
C VAL C 154 -13.35 -27.48 25.21
N ARG C 155 -14.12 -28.56 25.06
CA ARG C 155 -15.45 -28.65 25.65
C ARG C 155 -15.49 -29.57 26.86
N SER C 156 -14.37 -30.21 27.16
CA SER C 156 -14.28 -31.06 28.32
C SER C 156 -12.84 -31.05 28.83
N LEU C 157 -12.67 -31.42 30.09
CA LEU C 157 -11.33 -31.57 30.67
C LEU C 157 -10.54 -32.59 29.85
N ARG C 158 -11.24 -33.59 29.36
CA ARG C 158 -10.64 -34.60 28.49
C ARG C 158 -9.92 -33.93 27.33
N ASP C 159 -10.55 -32.94 26.71
CA ASP C 159 -9.98 -32.28 25.53
C ASP C 159 -8.63 -31.62 25.84
N LEU C 160 -8.42 -31.26 27.10
CA LEU C 160 -7.18 -30.57 27.50
C LEU C 160 -5.99 -31.52 27.60
N GLN C 161 -6.27 -32.82 27.69
CA GLN C 161 -5.21 -33.76 28.05
C GLN C 161 -4.13 -33.76 26.98
N GLY C 162 -2.91 -33.45 27.39
CA GLY C 162 -1.77 -33.47 26.51
C GLY C 162 -1.67 -32.23 25.65
N MET C 163 -2.64 -31.33 25.79
CA MET C 163 -2.68 -30.16 24.91
C MET C 163 -1.62 -29.16 25.35
N GLU C 164 -0.86 -28.65 24.39
CA GLU C 164 0.17 -27.67 24.66
C GLU C 164 -0.43 -26.29 24.85
N ILE C 165 -0.34 -25.80 26.08
CA ILE C 165 -0.97 -24.53 26.45
C ILE C 165 0.05 -23.66 27.15
N ARG C 166 0.06 -22.37 26.81
CA ARG C 166 1.00 -21.42 27.40
C ARG C 166 0.59 -20.99 28.79
N GLY C 167 1.56 -20.96 29.71
CA GLY C 167 1.40 -20.30 30.99
C GLY C 167 2.72 -19.64 31.43
N ALA C 168 2.78 -19.19 32.68
CA ALA C 168 4.06 -18.87 33.31
C ALA C 168 4.00 -19.12 34.80
N GLY C 169 5.16 -19.32 35.42
CA GLY C 169 5.22 -19.56 36.85
C GLY C 169 4.24 -20.61 37.29
N THR C 170 3.44 -20.28 38.31
CA THR C 170 2.58 -21.26 38.95
C THR C 170 1.37 -21.55 38.11
N LEU C 171 1.02 -20.63 37.22
CA LEU C 171 -0.06 -20.93 36.27
C LEU C 171 0.30 -22.09 35.30
N SER C 172 1.58 -22.24 34.99
CA SER C 172 2.03 -23.43 34.25
C SER C 172 1.90 -24.68 35.13
N ALA C 173 2.24 -24.59 36.41
CA ALA C 173 2.08 -25.73 37.32
C ALA C 173 0.61 -26.12 37.42
N ILE C 174 -0.28 -25.13 37.42
CA ILE C 174 -1.72 -25.40 37.39
C ILE C 174 -2.06 -26.19 36.12
N LEU C 175 -1.52 -25.75 34.99
CA LEU C 175 -1.82 -26.42 33.74
C LEU C 175 -1.41 -27.89 33.83
N GLU C 176 -0.24 -28.13 34.40
CA GLU C 176 0.28 -29.49 34.49
C GLU C 176 -0.60 -30.37 35.40
N LYS C 177 -1.10 -29.80 36.50
CA LYS C 177 -2.06 -30.51 37.37
C LYS C 177 -3.33 -30.88 36.62
N LEU C 178 -3.77 -30.01 35.71
CA LEU C 178 -5.00 -30.24 34.97
C LEU C 178 -4.82 -31.22 33.84
N GLY C 179 -3.56 -31.54 33.52
CA GLY C 179 -3.28 -32.57 32.53
C GLY C 179 -2.86 -32.02 31.18
N ALA C 180 -2.93 -30.70 31.02
CA ALA C 180 -2.40 -30.07 29.83
C ALA C 180 -0.88 -30.18 29.86
N THR C 181 -0.25 -29.88 28.73
CA THR C 181 1.21 -29.79 28.64
C THR C 181 1.63 -28.31 28.66
N PRO C 182 2.10 -27.81 29.80
CA PRO C 182 2.42 -26.38 29.80
C PRO C 182 3.66 -26.03 28.99
N VAL C 183 3.64 -24.82 28.42
CA VAL C 183 4.83 -24.24 27.82
C VAL C 183 4.97 -22.85 28.43
N SER C 184 6.03 -22.65 29.20
CA SER C 184 6.18 -21.37 29.90
C SER C 184 6.90 -20.33 29.05
N MET C 185 6.35 -19.12 29.01
CA MET C 185 6.94 -18.03 28.23
C MET C 185 6.27 -16.71 28.58
N PRO C 186 7.02 -15.60 28.49
CA PRO C 186 6.46 -14.25 28.69
C PRO C 186 5.43 -13.90 27.62
N MET C 187 4.53 -12.97 27.94
CA MET C 187 3.41 -12.64 27.04
C MET C 187 3.83 -12.21 25.63
N PRO C 188 4.90 -11.41 25.51
CA PRO C 188 5.21 -10.90 24.17
C PRO C 188 5.58 -12.00 23.17
N GLU C 189 5.95 -13.18 23.68
CA GLU C 189 6.37 -14.29 22.81
C GLU C 189 5.21 -15.16 22.35
N VAL C 190 4.04 -14.98 22.96
CA VAL C 190 2.93 -15.91 22.76
C VAL C 190 2.33 -15.88 21.35
N PRO C 191 2.16 -14.69 20.76
CA PRO C 191 1.62 -14.66 19.39
C PRO C 191 2.39 -15.55 18.40
N GLU C 192 3.70 -15.37 18.35
CA GLU C 192 4.52 -16.16 17.44
C GLU C 192 4.39 -17.64 17.79
N ALA C 193 4.30 -17.96 19.08
CA ALA C 193 4.16 -19.35 19.50
C ALA C 193 2.89 -19.97 18.94
N VAL C 194 1.77 -19.24 18.95
CA VAL C 194 0.54 -19.79 18.36
C VAL C 194 0.67 -19.87 16.84
N GLN C 195 1.26 -18.84 16.24
CA GLN C 195 1.37 -18.77 14.78
C GLN C 195 2.28 -19.85 14.23
N LYS C 196 3.21 -20.32 15.05
CA LYS C 196 4.14 -21.37 14.65
C LYS C 196 3.71 -22.76 15.11
N GLY C 197 2.58 -22.83 15.81
CA GLY C 197 2.07 -24.11 16.27
C GLY C 197 2.87 -24.72 17.41
N ILE C 198 3.68 -23.91 18.08
CA ILE C 198 4.42 -24.34 19.26
C ILE C 198 3.46 -24.57 20.44
N ILE C 199 2.39 -23.77 20.48
CA ILE C 199 1.33 -23.97 21.44
C ILE C 199 0.03 -23.98 20.65
N LYS C 200 -1.02 -24.54 21.25
CA LYS C 200 -2.34 -24.56 20.64
C LYS C 200 -3.32 -23.65 21.38
N GLY C 201 -2.84 -23.00 22.44
CA GLY C 201 -3.64 -22.05 23.19
C GLY C 201 -2.85 -21.38 24.31
N LEU C 202 -3.51 -20.50 25.04
CA LEU C 202 -2.89 -19.79 26.15
C LEU C 202 -3.86 -19.68 27.32
N PHE C 203 -3.30 -19.47 28.51
CA PHE C 203 -4.03 -19.54 29.76
C PHE C 203 -3.75 -18.23 30.53
N THR C 204 -4.65 -17.28 30.36
CA THR C 204 -4.53 -15.97 30.99
C THR C 204 -5.85 -15.21 30.84
N SER C 205 -5.88 -13.93 31.19
CA SER C 205 -7.14 -13.19 31.10
C SER C 205 -7.49 -12.75 29.67
N LEU C 206 -8.77 -12.45 29.43
CA LEU C 206 -9.33 -12.37 28.08
C LEU C 206 -9.15 -11.01 27.39
N ASP C 207 -8.61 -10.05 28.12
CA ASP C 207 -8.26 -8.76 27.55
C ASP C 207 -7.36 -8.94 26.33
N VAL C 208 -6.55 -9.99 26.31
CA VAL C 208 -5.61 -10.16 25.19
C VAL C 208 -6.29 -10.55 23.89
N MET C 209 -7.55 -10.98 23.96
CA MET C 209 -8.26 -11.38 22.75
C MET C 209 -8.31 -10.20 21.79
N LYS C 210 -8.42 -8.99 22.36
CA LYS C 210 -8.45 -7.77 21.56
C LYS C 210 -7.10 -7.06 21.58
N ASP C 211 -6.55 -6.89 22.77
CA ASP C 211 -5.35 -6.09 22.96
C ASP C 211 -4.12 -6.64 22.21
N MET C 212 -4.07 -7.96 22.01
CA MET C 212 -3.01 -8.57 21.21
C MET C 212 -3.55 -9.41 20.05
N ASN C 213 -4.81 -9.13 19.71
CA ASN C 213 -5.52 -9.74 18.58
C ASN C 213 -5.48 -11.26 18.58
N PHE C 214 -5.52 -11.87 19.76
CA PHE C 214 -5.65 -13.33 19.82
C PHE C 214 -6.99 -13.79 19.26
N ALA C 215 -7.93 -12.87 19.12
CA ALA C 215 -9.22 -13.24 18.53
C ALA C 215 -9.00 -13.82 17.14
N GLU C 216 -7.98 -13.33 16.45
CA GLU C 216 -7.66 -13.73 15.08
C GLU C 216 -6.82 -15.03 15.04
N MET C 217 -6.33 -15.46 16.18
CA MET C 217 -5.44 -16.62 16.24
C MET C 217 -6.10 -17.80 16.96
N THR C 218 -6.68 -17.53 18.12
CA THR C 218 -7.39 -18.55 18.90
C THR C 218 -8.86 -18.16 18.95
N GLY C 219 -9.69 -18.87 18.18
CA GLY C 219 -11.09 -18.53 18.02
C GLY C 219 -12.02 -19.17 19.05
N HIS C 220 -11.46 -19.92 19.99
CA HIS C 220 -12.26 -20.56 21.02
C HIS C 220 -11.79 -20.20 22.41
N VAL C 221 -12.75 -19.98 23.30
CA VAL C 221 -12.48 -19.66 24.68
C VAL C 221 -13.24 -20.63 25.56
N THR C 222 -12.53 -21.18 26.54
CA THR C 222 -13.17 -22.07 27.50
C THR C 222 -13.01 -21.47 28.88
N ARG C 223 -14.13 -21.31 29.58
CA ARG C 223 -14.14 -20.72 30.90
C ARG C 223 -13.44 -21.62 31.92
N ALA C 224 -12.63 -21.01 32.80
CA ALA C 224 -11.89 -21.72 33.84
C ALA C 224 -11.97 -21.01 35.19
N ASP C 225 -12.24 -19.71 35.18
CA ASP C 225 -12.22 -18.87 36.39
C ASP C 225 -11.02 -19.14 37.27
N GLN C 226 -9.85 -19.21 36.64
CA GLN C 226 -8.65 -19.62 37.34
C GLN C 226 -7.81 -18.47 37.89
N ALA C 227 -6.62 -18.82 38.39
CA ALA C 227 -5.74 -17.88 39.08
C ALA C 227 -5.37 -16.69 38.21
N VAL C 228 -5.00 -15.59 38.87
CA VAL C 228 -4.56 -14.38 38.18
C VAL C 228 -3.03 -14.32 38.14
N TYR C 229 -2.49 -13.43 37.29
CA TYR C 229 -1.04 -13.15 37.29
C TYR C 229 -0.79 -11.88 38.08
N PRO C 230 0.05 -11.95 39.12
CA PRO C 230 0.38 -10.76 39.91
C PRO C 230 1.53 -9.97 39.33
N PHE C 231 1.46 -8.65 39.43
CA PHE C 231 2.47 -7.72 38.93
C PHE C 231 2.97 -6.80 40.04
N ALA C 232 4.20 -6.34 39.90
CA ALA C 232 4.74 -5.27 40.72
C ALA C 232 5.32 -4.14 39.86
N VAL C 233 5.04 -2.91 40.27
CA VAL C 233 5.70 -1.75 39.72
C VAL C 233 6.83 -1.38 40.67
N ILE C 234 8.05 -1.48 40.15
CA ILE C 234 9.22 -1.40 41.00
C ILE C 234 10.09 -0.23 40.57
N MET C 235 10.80 0.32 41.55
CA MET C 235 11.68 1.45 41.28
C MET C 235 13.05 1.15 41.83
N ASN C 236 14.05 1.57 41.08
CA ASN C 236 15.42 1.55 41.56
C ASN C 236 15.52 2.31 42.90
N ARG C 237 16.11 1.64 43.90
CA ARG C 237 16.20 2.19 45.25
C ARG C 237 16.91 3.56 45.33
N GLU C 238 18.04 3.67 44.64
CA GLU C 238 18.81 4.90 44.64
C GLU C 238 18.01 6.02 43.96
N ALA C 239 17.25 5.67 42.93
CA ALA C 239 16.45 6.66 42.23
C ALA C 239 15.32 7.17 43.13
N TRP C 240 14.65 6.24 43.81
CA TRP C 240 13.60 6.57 44.78
C TRP C 240 14.15 7.48 45.85
N GLU C 241 15.34 7.15 46.33
CA GLU C 241 15.95 7.89 47.43
C GLU C 241 16.36 9.31 47.05
N ARG C 242 16.56 9.57 45.76
CA ARG C 242 16.87 10.93 45.31
C ARG C 242 15.60 11.82 45.25
N LEU C 243 14.42 11.22 45.34
CA LEU C 243 13.20 12.02 45.29
C LEU C 243 13.06 12.82 46.59
N SER C 244 12.43 13.97 46.50
CA SER C 244 12.18 14.77 47.69
C SER C 244 11.06 14.11 48.48
N PRO C 245 11.05 14.34 49.80
CA PRO C 245 9.97 13.85 50.66
C PRO C 245 8.56 14.16 50.13
N ASP C 246 8.32 15.38 49.63
CA ASP C 246 6.97 15.66 49.11
C ASP C 246 6.65 14.83 47.86
N VAL C 247 7.66 14.58 47.02
CA VAL C 247 7.45 13.71 45.84
C VAL C 247 7.20 12.24 46.29
N GLN C 248 8.02 11.74 47.19
CA GLN C 248 7.84 10.38 47.68
C GLN C 248 6.43 10.20 48.26
N GLN C 249 5.94 11.21 48.97
CA GLN C 249 4.62 11.16 49.57
C GLN C 249 3.54 11.07 48.50
N VAL C 250 3.71 11.82 47.43
CA VAL C 250 2.76 11.75 46.33
C VAL C 250 2.73 10.34 45.73
N LEU C 251 3.91 9.80 45.47
CA LEU C 251 3.99 8.47 44.85
C LEU C 251 3.39 7.38 45.77
N ASP C 252 3.67 7.45 47.07
CA ASP C 252 3.10 6.48 48.00
C ASP C 252 1.60 6.64 48.13
N GLY C 253 1.15 7.90 48.12
CA GLY C 253 -0.26 8.25 48.19
C GLY C 253 -1.07 7.78 47.01
N LEU C 254 -0.42 7.46 45.90
CA LEU C 254 -1.12 7.03 44.69
C LEU C 254 -1.27 5.50 44.65
N ALA C 255 -0.47 4.80 45.45
CA ALA C 255 -0.31 3.35 45.31
C ALA C 255 -1.60 2.51 45.39
N ALA C 256 -2.38 2.67 46.48
CA ALA C 256 -3.57 1.85 46.67
C ALA C 256 -4.66 2.23 45.69
N GLU C 257 -4.88 3.53 45.48
CA GLU C 257 -5.86 3.96 44.49
C GLU C 257 -5.55 3.37 43.13
N HIS C 258 -4.27 3.37 42.76
CA HIS C 258 -3.90 2.91 41.43
C HIS C 258 -4.05 1.40 41.28
N ALA C 259 -3.76 0.64 42.35
CA ALA C 259 -3.98 -0.80 42.28
C ALA C 259 -5.45 -1.10 41.97
N ALA C 260 -6.36 -0.47 42.73
CA ALA C 260 -7.79 -0.59 42.46
C ALA C 260 -8.19 -0.12 41.08
N TRP C 261 -7.65 1.03 40.65
CA TRP C 261 -7.97 1.61 39.34
C TRP C 261 -7.62 0.65 38.21
N THR C 262 -6.44 0.05 38.32
CA THR C 262 -5.97 -0.87 37.32
C THR C 262 -6.88 -2.08 37.16
N GLY C 263 -7.27 -2.70 38.27
CA GLY C 263 -8.18 -3.84 38.23
C GLY C 263 -9.58 -3.50 37.74
N ARG C 264 -10.08 -2.34 38.17
CA ARG C 264 -11.36 -1.85 37.68
C ARG C 264 -11.31 -1.60 36.19
N TYR C 265 -10.24 -0.96 35.73
CA TYR C 265 -10.07 -0.76 34.28
C TYR C 265 -10.15 -2.10 33.56
N LEU C 266 -9.42 -3.09 34.08
CA LEU C 266 -9.26 -4.37 33.37
C LEU C 266 -10.58 -5.18 33.33
N ASP C 267 -11.29 -5.26 34.46
CA ASP C 267 -12.58 -5.93 34.47
C ASP C 267 -13.51 -5.38 33.38
N ALA C 268 -13.61 -4.06 33.29
CA ALA C 268 -14.45 -3.45 32.26
C ALA C 268 -13.89 -3.77 30.88
N HIS C 269 -12.58 -3.74 30.75
CA HIS C 269 -11.96 -3.93 29.43
C HIS C 269 -12.06 -5.39 28.93
N VAL C 270 -12.11 -6.34 29.86
CA VAL C 270 -12.29 -7.73 29.48
C VAL C 270 -13.65 -7.92 28.76
N GLN C 271 -14.68 -7.27 29.27
CA GLN C 271 -15.98 -7.30 28.64
C GLN C 271 -15.96 -6.67 27.25
N ASP C 272 -15.27 -5.54 27.12
CA ASP C 272 -15.21 -4.82 25.85
C ASP C 272 -14.45 -5.68 24.85
N SER C 273 -13.42 -6.34 25.36
CA SER C 273 -12.58 -7.19 24.52
C SER C 273 -13.36 -8.39 23.99
N MET C 274 -14.02 -9.14 24.87
CA MET C 274 -14.77 -10.33 24.43
C MET C 274 -15.95 -9.97 23.53
N ARG C 275 -16.62 -8.86 23.83
CA ARG C 275 -17.70 -8.38 22.98
C ARG C 275 -17.18 -8.19 21.56
N TRP C 276 -16.07 -7.48 21.47
CA TRP C 276 -15.41 -7.22 20.19
C TRP C 276 -15.01 -8.54 19.52
N ALA C 277 -14.60 -9.51 20.33
CA ALA C 277 -14.08 -10.77 19.80
C ALA C 277 -15.20 -11.62 19.19
N GLU C 278 -16.31 -11.71 19.90
CA GLU C 278 -17.43 -12.53 19.45
C GLU C 278 -18.09 -11.93 18.21
N GLU C 279 -18.27 -10.62 18.23
CA GLU C 279 -19.00 -9.97 17.15
C GLU C 279 -18.12 -9.77 15.91
N LYS C 280 -16.90 -9.30 16.11
CA LYS C 280 -16.04 -8.95 14.98
C LYS C 280 -15.14 -10.09 14.51
N HIS C 281 -15.05 -11.17 15.28
CA HIS C 281 -14.21 -12.29 14.89
C HIS C 281 -14.82 -13.67 15.13
N GLY C 282 -16.11 -13.71 15.41
CA GLY C 282 -16.84 -14.98 15.52
C GLY C 282 -16.31 -15.93 16.58
N VAL C 283 -15.74 -15.35 17.63
CA VAL C 283 -15.15 -16.14 18.70
C VAL C 283 -16.25 -16.87 19.50
N GLN C 284 -16.04 -18.16 19.75
CA GLN C 284 -17.02 -18.98 20.45
C GLN C 284 -16.53 -19.31 21.86
N VAL C 285 -17.48 -19.29 22.80
CA VAL C 285 -17.19 -19.49 24.22
C VAL C 285 -17.82 -20.81 24.69
N HIS C 286 -17.02 -21.65 25.35
CA HIS C 286 -17.50 -22.94 25.86
C HIS C 286 -17.42 -23.02 27.38
N THR C 287 -18.33 -23.76 27.97
CA THR C 287 -18.38 -23.92 29.43
C THR C 287 -18.29 -25.39 29.84
N LEU C 288 -17.43 -25.67 30.82
CA LEU C 288 -17.22 -27.03 31.28
C LEU C 288 -18.31 -27.48 32.25
N PRO C 289 -18.68 -28.77 32.22
CA PRO C 289 -19.66 -29.30 33.17
C PRO C 289 -19.14 -29.23 34.59
N GLU C 290 -20.06 -29.24 35.57
CA GLU C 290 -19.72 -29.14 36.98
C GLU C 290 -18.69 -30.18 37.40
N GLU C 291 -18.89 -31.43 36.97
CA GLU C 291 -18.01 -32.53 37.37
C GLU C 291 -16.57 -32.25 36.97
N ASP C 292 -16.39 -31.74 35.76
CA ASP C 292 -15.06 -31.41 35.27
C ASP C 292 -14.45 -30.27 36.08
N ILE C 293 -15.27 -29.26 36.39
CA ILE C 293 -14.83 -28.13 37.21
C ILE C 293 -14.38 -28.60 38.59
N ALA C 294 -15.16 -29.48 39.20
CA ALA C 294 -14.82 -30.02 40.52
C ALA C 294 -13.55 -30.86 40.45
N ALA C 295 -13.33 -31.55 39.34
CA ALA C 295 -12.13 -32.38 39.22
C ALA C 295 -10.88 -31.51 39.05
N MET C 296 -11.02 -30.44 38.29
CA MET C 296 -9.90 -29.51 38.10
C MET C 296 -9.52 -28.89 39.45
N ARG C 297 -10.54 -28.51 40.21
CA ARG C 297 -10.33 -27.85 41.49
C ARG C 297 -9.65 -28.81 42.46
N ARG C 298 -10.04 -30.08 42.42
CA ARG C 298 -9.42 -31.05 43.29
C ARG C 298 -7.95 -31.23 42.91
N SER C 299 -7.69 -31.22 41.61
N SER C 299 -7.68 -31.22 41.60
CA SER C 299 -6.36 -31.54 41.08
CA SER C 299 -6.35 -31.55 41.10
C SER C 299 -5.31 -30.49 41.46
C SER C 299 -5.30 -30.49 41.46
N VAL C 300 -5.74 -29.24 41.61
CA VAL C 300 -4.80 -28.15 41.88
C VAL C 300 -4.45 -27.99 43.35
N GLN C 301 -5.20 -28.63 44.25
CA GLN C 301 -5.02 -28.42 45.69
C GLN C 301 -3.59 -28.67 46.21
N PRO C 302 -2.87 -29.66 45.65
CA PRO C 302 -1.48 -29.86 46.11
C PRO C 302 -0.54 -28.67 45.84
N LEU C 303 -0.90 -27.77 44.92
CA LEU C 303 -0.07 -26.60 44.67
C LEU C 303 -0.02 -25.68 45.89
N PHE C 304 -1.10 -25.64 46.66
CA PHE C 304 -1.13 -24.84 47.88
C PHE C 304 -0.07 -25.39 48.83
N ASP C 305 -0.08 -26.70 48.99
CA ASP C 305 0.87 -27.38 49.84
C ASP C 305 2.31 -27.08 49.40
N ALA C 306 2.59 -27.17 48.11
CA ALA C 306 3.93 -26.92 47.60
C ALA C 306 4.36 -25.46 47.73
N TRP C 307 3.43 -24.52 47.47
CA TRP C 307 3.70 -23.11 47.76
C TRP C 307 4.09 -22.94 49.24
N ALA C 308 3.28 -23.51 50.13
CA ALA C 308 3.49 -23.31 51.56
C ALA C 308 4.85 -23.85 52.01
N GLN C 309 5.27 -24.95 51.38
CA GLN C 309 6.56 -25.57 51.68
C GLN C 309 7.75 -24.72 51.37
N ARG C 310 7.76 -24.15 50.17
CA ARG C 310 8.85 -23.26 49.76
C ARG C 310 8.83 -22.01 50.63
N ALA C 311 7.64 -21.47 50.89
CA ALA C 311 7.53 -20.24 51.69
C ALA C 311 8.11 -20.48 53.08
N ALA C 312 7.79 -21.62 53.69
CA ALA C 312 8.32 -21.94 55.01
C ALA C 312 9.83 -22.15 54.97
N ASP C 313 10.31 -22.79 53.91
CA ASP C 313 11.75 -22.97 53.71
C ASP C 313 12.44 -21.61 53.76
N LYS C 314 11.71 -20.57 53.34
CA LYS C 314 12.23 -19.23 53.25
C LYS C 314 11.88 -18.36 54.45
N GLY C 315 11.32 -18.93 55.50
CA GLY C 315 11.14 -18.19 56.73
C GLY C 315 9.76 -17.61 56.96
N ALA C 316 8.88 -17.77 55.99
CA ALA C 316 7.53 -17.21 56.06
C ALA C 316 6.56 -18.13 56.81
N ASP C 317 5.44 -17.58 57.25
CA ASP C 317 4.41 -18.38 57.91
C ASP C 317 3.25 -18.48 56.95
N PRO C 318 3.28 -19.49 56.06
CA PRO C 318 2.34 -19.46 54.93
C PRO C 318 0.91 -19.64 55.40
N ASP C 319 0.72 -20.28 56.55
CA ASP C 319 -0.63 -20.45 57.05
C ASP C 319 -1.22 -19.12 57.49
N ALA C 320 -0.40 -18.27 58.10
CA ALA C 320 -0.87 -16.95 58.48
C ALA C 320 -1.11 -16.13 57.23
N VAL C 321 -0.20 -16.26 56.26
CA VAL C 321 -0.30 -15.49 55.01
C VAL C 321 -1.63 -15.85 54.37
N MET C 322 -1.95 -17.13 54.30
CA MET C 322 -3.23 -17.50 53.71
C MET C 322 -4.45 -17.04 54.52
N ARG C 323 -4.33 -16.98 55.85
CA ARG C 323 -5.44 -16.50 56.65
C ARG C 323 -5.68 -15.04 56.33
N THR C 324 -4.59 -14.29 56.20
CA THR C 324 -4.69 -12.89 55.77
C THR C 324 -5.33 -12.73 54.40
N VAL C 325 -4.93 -13.56 53.45
CA VAL C 325 -5.53 -13.49 52.14
C VAL C 325 -7.03 -13.75 52.23
N ASP C 326 -7.41 -14.79 52.98
CA ASP C 326 -8.82 -15.15 53.10
C ASP C 326 -9.56 -13.99 53.74
N ALA C 327 -8.95 -13.38 54.75
CA ALA C 327 -9.60 -12.27 55.46
C ALA C 327 -9.77 -11.05 54.54
N LEU C 328 -8.71 -10.72 53.81
CA LEU C 328 -8.73 -9.51 53.00
C LEU C 328 -9.68 -9.74 51.84
N LYS C 329 -9.64 -10.94 51.29
CA LYS C 329 -10.54 -11.29 50.21
C LYS C 329 -11.98 -11.09 50.67
N ALA C 330 -12.29 -11.56 51.86
CA ALA C 330 -13.65 -11.41 52.41
C ALA C 330 -14.02 -9.95 52.51
N GLN C 331 -13.22 -9.20 53.28
CA GLN C 331 -13.52 -7.81 53.50
C GLN C 331 -13.71 -7.06 52.19
N TYR C 332 -12.81 -7.28 51.23
CA TYR C 332 -12.73 -6.46 49.99
C TYR C 332 -13.66 -6.99 48.88
N GLY C 333 -14.53 -7.92 49.27
CA GLY C 333 -15.59 -8.44 48.42
C GLY C 333 -15.10 -9.20 47.21
N GLY C 334 -14.11 -10.08 47.39
CA GLY C 334 -13.56 -10.87 46.30
C GLY C 334 -14.18 -12.26 46.11
N PRO D 25 21.67 26.44 -32.86
CA PRO D 25 21.12 25.93 -34.12
C PRO D 25 21.87 24.67 -34.55
N VAL D 26 21.53 23.52 -33.97
CA VAL D 26 22.25 22.30 -34.31
C VAL D 26 21.45 21.44 -35.26
N THR D 27 22.17 20.74 -36.14
CA THR D 27 21.54 19.86 -37.09
C THR D 27 22.05 18.45 -36.87
N LEU D 28 21.11 17.55 -36.66
CA LEU D 28 21.41 16.15 -36.37
C LEU D 28 21.09 15.25 -37.59
N ASN D 29 21.97 14.31 -37.88
CA ASN D 29 21.76 13.41 -39.00
C ASN D 29 21.05 12.13 -38.54
N TYR D 30 19.93 11.80 -39.18
CA TYR D 30 19.10 10.68 -38.78
C TYR D 30 19.07 9.69 -39.91
N ALA D 31 19.74 8.56 -39.70
CA ALA D 31 19.78 7.46 -40.66
C ALA D 31 18.61 6.50 -40.50
N ASN D 32 18.11 6.00 -41.63
CA ASN D 32 17.11 4.98 -41.65
C ASN D 32 17.34 4.03 -42.79
N PHE D 33 16.69 2.86 -42.75
CA PHE D 33 17.03 1.79 -43.70
C PHE D 33 16.02 1.48 -44.80
N PRO D 34 14.71 1.60 -44.54
CA PRO D 34 13.77 1.24 -45.60
C PRO D 34 13.40 2.44 -46.45
N PRO D 35 12.60 2.23 -47.52
CA PRO D 35 12.20 3.34 -48.37
C PRO D 35 11.37 4.39 -47.62
N ALA D 36 11.42 5.61 -48.14
CA ALA D 36 10.77 6.77 -47.52
C ALA D 36 9.27 6.57 -47.31
N SER D 37 8.62 5.81 -48.18
CA SER D 37 7.19 5.59 -48.10
C SER D 37 6.76 4.70 -46.91
N THR D 38 7.71 3.97 -46.32
CA THR D 38 7.38 2.97 -45.31
C THR D 38 7.30 3.59 -43.92
N PHE D 39 6.65 2.89 -43.00
CA PHE D 39 6.25 3.53 -41.76
C PHE D 39 7.46 3.89 -40.87
N PRO D 40 8.56 3.14 -40.92
CA PRO D 40 9.67 3.61 -40.08
C PRO D 40 10.26 4.96 -40.55
N CYS D 41 10.18 5.23 -41.84
CA CYS D 41 10.57 6.53 -42.39
C CYS D 41 9.51 7.62 -42.17
N ILE D 42 8.24 7.30 -42.44
CA ILE D 42 7.14 8.25 -42.11
C ILE D 42 7.23 8.72 -40.65
N GLN D 43 7.49 7.80 -39.72
CA GLN D 43 7.53 8.18 -38.32
C GLN D 43 8.73 9.05 -38.01
N MET D 44 9.84 8.79 -38.68
CA MET D 44 11.03 9.61 -38.57
C MET D 44 10.77 11.06 -39.02
N GLU D 45 10.09 11.23 -40.16
CA GLU D 45 9.76 12.59 -40.65
C GLU D 45 8.83 13.34 -39.65
N GLN D 46 7.90 12.60 -39.04
CA GLN D 46 7.00 13.17 -38.02
C GLN D 46 7.76 13.60 -36.78
N TRP D 47 8.69 12.77 -36.31
CA TRP D 47 9.50 13.05 -35.14
C TRP D 47 10.36 14.31 -35.39
N ALA D 48 11.05 14.33 -36.54
CA ALA D 48 11.79 15.52 -36.95
C ALA D 48 10.94 16.77 -36.96
N HIS D 49 9.74 16.66 -37.51
CA HIS D 49 8.84 17.80 -37.56
C HIS D 49 8.58 18.32 -36.14
N GLU D 50 8.32 17.40 -35.24
CA GLU D 50 8.01 17.84 -33.87
C GLU D 50 9.22 18.41 -33.15
N VAL D 51 10.40 17.88 -33.44
CA VAL D 51 11.61 18.43 -32.83
C VAL D 51 11.84 19.87 -33.29
N ARG D 52 11.69 20.11 -34.57
CA ARG D 52 11.85 21.47 -35.11
C ARG D 52 10.87 22.44 -34.47
N THR D 53 9.62 22.02 -34.38
CA THR D 53 8.54 22.84 -33.85
C THR D 53 8.77 23.12 -32.38
N ARG D 54 9.07 22.10 -31.60
CA ARG D 54 9.12 22.29 -30.16
C ARG D 54 10.40 22.96 -29.71
N THR D 55 11.45 22.88 -30.55
CA THR D 55 12.66 23.66 -30.30
C THR D 55 12.63 25.03 -30.98
N ARG D 56 11.49 25.39 -31.58
CA ARG D 56 11.38 26.65 -32.29
C ARG D 56 12.56 26.88 -33.24
N GLY D 57 12.87 25.86 -34.01
CA GLY D 57 13.85 26.00 -35.07
C GLY D 57 15.29 25.86 -34.62
N LYS D 58 15.51 25.68 -33.32
CA LYS D 58 16.87 25.58 -32.77
C LYS D 58 17.56 24.26 -33.12
N VAL D 59 16.78 23.20 -33.23
CA VAL D 59 17.29 21.91 -33.68
C VAL D 59 16.66 21.50 -35.01
N ASP D 60 17.49 21.15 -35.98
CA ASP D 60 17.01 20.60 -37.25
C ASP D 60 17.51 19.17 -37.36
N VAL D 61 16.88 18.44 -38.27
CA VAL D 61 17.18 17.05 -38.48
C VAL D 61 17.27 16.81 -39.97
N LEU D 62 18.40 16.26 -40.40
CA LEU D 62 18.59 15.87 -41.79
C LEU D 62 18.40 14.37 -41.84
N THR D 63 17.43 13.91 -42.61
CA THR D 63 17.08 12.49 -42.64
C THR D 63 17.68 11.82 -43.86
N TYR D 64 18.01 10.55 -43.69
CA TYR D 64 18.60 9.73 -44.73
C TYR D 64 17.82 8.42 -44.89
N PRO D 65 16.63 8.51 -45.50
CA PRO D 65 15.84 7.29 -45.73
C PRO D 65 16.55 6.38 -46.73
N GLY D 66 16.17 5.11 -46.77
CA GLY D 66 16.61 4.22 -47.85
C GLY D 66 18.02 3.71 -47.74
N GLY D 67 18.64 3.83 -46.56
CA GLY D 67 19.96 3.27 -46.34
C GLY D 67 21.13 4.02 -46.90
N THR D 68 20.95 5.30 -47.23
CA THR D 68 22.00 6.06 -47.89
C THR D 68 23.14 6.49 -46.94
N LEU D 69 22.89 6.43 -45.65
CA LEU D 69 23.91 6.79 -44.69
C LEU D 69 24.30 5.53 -43.93
N LEU D 70 23.31 4.90 -43.32
CA LEU D 70 23.48 3.57 -42.72
C LEU D 70 22.32 2.70 -43.18
N GLY D 71 22.59 1.41 -43.38
CA GLY D 71 21.58 0.45 -43.77
C GLY D 71 21.08 -0.36 -42.59
N ALA D 72 20.36 -1.45 -42.88
CA ALA D 72 19.66 -2.19 -41.83
C ALA D 72 20.62 -2.82 -40.83
N ARG D 73 21.76 -3.31 -41.31
CA ARG D 73 22.57 -4.17 -40.47
C ARG D 73 23.71 -3.44 -39.79
N ASN D 74 24.14 -2.32 -40.36
CA ASN D 74 25.21 -1.56 -39.75
C ASN D 74 24.69 -0.31 -39.02
N MET D 75 23.37 -0.27 -38.85
CA MET D 75 22.70 0.86 -38.18
C MET D 75 23.16 1.00 -36.74
N LEU D 76 23.13 -0.09 -35.99
CA LEU D 76 23.55 -0.02 -34.59
C LEU D 76 25.01 0.40 -34.43
N ARG D 77 25.90 -0.24 -35.17
CA ARG D 77 27.31 0.04 -35.09
C ARG D 77 27.61 1.47 -35.54
N GLY D 78 26.89 1.93 -36.55
CA GLY D 78 27.15 3.25 -37.13
C GLY D 78 26.74 4.41 -36.25
N VAL D 79 25.66 4.20 -35.51
CA VAL D 79 25.21 5.20 -34.56
C VAL D 79 26.20 5.22 -33.38
N MET D 80 26.60 4.05 -32.90
CA MET D 80 27.56 3.99 -31.80
C MET D 80 28.92 4.60 -32.18
N SER D 81 29.36 4.40 -33.42
CA SER D 81 30.64 4.95 -33.86
C SER D 81 30.52 6.46 -34.18
N GLY D 82 29.28 6.95 -34.26
CA GLY D 82 29.01 8.35 -34.55
C GLY D 82 28.92 8.69 -36.03
N GLN D 83 28.93 7.69 -36.90
CA GLN D 83 28.71 7.90 -38.32
C GLN D 83 27.34 8.55 -38.63
N ALA D 84 26.36 8.28 -37.77
CA ALA D 84 25.11 9.05 -37.73
C ALA D 84 24.85 9.44 -36.30
N ASP D 85 24.11 10.53 -36.10
CA ASP D 85 23.70 10.95 -34.75
C ASP D 85 22.58 10.10 -34.22
N ILE D 86 21.62 9.82 -35.09
CA ILE D 86 20.42 9.11 -34.73
C ILE D 86 20.15 8.03 -35.77
N GLY D 87 19.61 6.91 -35.32
CA GLY D 87 19.20 5.88 -36.22
C GLY D 87 18.00 5.12 -35.77
N CYS D 88 17.47 4.29 -36.68
CA CYS D 88 16.32 3.45 -36.39
C CYS D 88 16.66 1.99 -36.66
N ILE D 89 16.58 1.20 -35.58
CA ILE D 89 16.92 -0.22 -35.62
C ILE D 89 15.69 -1.10 -35.42
N SER D 90 15.63 -2.18 -36.19
CA SER D 90 14.65 -3.22 -35.95
C SER D 90 15.33 -4.28 -35.07
N LEU D 91 14.84 -4.46 -33.84
CA LEU D 91 15.55 -5.33 -32.88
C LEU D 91 15.76 -6.76 -33.41
N ALA D 92 14.80 -7.26 -34.16
CA ALA D 92 14.90 -8.64 -34.71
C ALA D 92 16.12 -8.84 -35.61
N TYR D 93 16.74 -7.74 -36.08
CA TYR D 93 17.91 -7.88 -36.97
C TYR D 93 19.22 -8.12 -36.19
N HIS D 94 19.12 -8.14 -34.86
CA HIS D 94 20.31 -8.22 -34.00
C HIS D 94 20.20 -9.36 -33.00
N PRO D 95 20.26 -10.60 -33.49
CA PRO D 95 20.24 -11.82 -32.68
C PRO D 95 21.16 -11.72 -31.49
N GLY D 96 20.65 -12.04 -30.30
CA GLY D 96 21.48 -12.09 -29.11
C GLY D 96 21.78 -10.74 -28.46
N VAL D 97 21.49 -9.63 -29.13
CA VAL D 97 21.93 -8.33 -28.60
C VAL D 97 20.93 -7.75 -27.58
N PHE D 98 19.67 -8.15 -27.71
CA PHE D 98 18.59 -7.55 -26.93
C PHE D 98 17.82 -8.64 -26.14
N PRO D 99 18.47 -9.27 -25.17
CA PRO D 99 17.77 -10.40 -24.54
C PRO D 99 16.47 -10.04 -23.84
N VAL D 100 16.37 -8.87 -23.22
CA VAL D 100 15.15 -8.47 -22.55
C VAL D 100 14.12 -7.93 -23.54
N MET D 101 14.48 -6.90 -24.30
CA MET D 101 13.49 -6.25 -25.15
C MET D 101 13.00 -7.14 -26.29
N SER D 102 13.79 -8.16 -26.63
CA SER D 102 13.31 -9.15 -27.59
C SER D 102 12.05 -9.90 -27.13
N VAL D 103 11.58 -9.68 -25.89
CA VAL D 103 10.30 -10.23 -25.46
C VAL D 103 9.20 -9.79 -26.41
N PHE D 104 9.38 -8.60 -26.96
CA PHE D 104 8.40 -8.05 -27.88
C PHE D 104 8.37 -8.62 -29.30
N GLU D 105 9.19 -9.65 -29.54
CA GLU D 105 9.12 -10.40 -30.78
C GLU D 105 8.31 -11.71 -30.59
N LEU D 106 7.90 -11.97 -29.35
CA LEU D 106 7.08 -13.14 -29.05
C LEU D 106 5.61 -12.83 -29.34
N PRO D 107 4.79 -13.87 -29.49
CA PRO D 107 3.35 -13.68 -29.74
C PRO D 107 2.62 -13.26 -28.44
N LEU D 108 2.70 -11.97 -28.14
CA LEU D 108 2.15 -11.40 -26.91
C LEU D 108 0.66 -11.06 -26.97
N GLY D 109 0.06 -11.24 -28.14
CA GLY D 109 -1.38 -11.10 -28.28
C GLY D 109 -1.87 -9.69 -28.63
N PHE D 110 -0.96 -8.78 -28.95
CA PHE D 110 -1.38 -7.45 -29.35
C PHE D 110 -2.15 -7.48 -30.67
N THR D 111 -3.17 -6.63 -30.76
CA THR D 111 -3.95 -6.53 -32.00
C THR D 111 -3.83 -5.16 -32.65
N SER D 112 -3.03 -4.28 -32.07
CA SER D 112 -2.82 -2.98 -32.68
C SER D 112 -1.41 -2.50 -32.43
N ALA D 113 -0.85 -1.81 -33.42
CA ALA D 113 0.48 -1.21 -33.26
C ALA D 113 0.45 -0.10 -32.23
N GLU D 114 -0.66 0.61 -32.11
CA GLU D 114 -0.74 1.70 -31.15
C GLU D 114 -0.51 1.17 -29.73
N ALA D 115 -1.28 0.16 -29.34
CA ALA D 115 -1.13 -0.46 -28.01
C ALA D 115 0.26 -1.05 -27.82
N ALA D 116 0.70 -1.86 -28.78
CA ALA D 116 2.03 -2.47 -28.69
C ALA D 116 3.17 -1.45 -28.58
N SER D 117 3.10 -0.37 -29.36
CA SER D 117 4.18 0.62 -29.36
C SER D 117 4.22 1.29 -27.99
N SER D 118 3.04 1.64 -27.48
CA SER D 118 2.95 2.30 -26.17
C SER D 118 3.47 1.42 -25.03
N VAL D 119 3.13 0.15 -25.07
CA VAL D 119 3.56 -0.73 -24.01
C VAL D 119 5.06 -1.00 -24.10
N LEU D 120 5.56 -1.17 -25.33
CA LEU D 120 7.01 -1.34 -25.56
C LEU D 120 7.79 -0.19 -24.95
N TRP D 121 7.39 1.03 -25.24
CA TRP D 121 8.04 2.19 -24.67
C TRP D 121 7.94 2.27 -23.13
N GLU D 122 6.76 1.96 -22.57
CA GLU D 122 6.63 1.99 -21.09
C GLU D 122 7.51 0.92 -20.40
N LEU D 123 7.58 -0.25 -21.01
CA LEU D 123 8.39 -1.37 -20.53
C LEU D 123 9.86 -0.95 -20.52
N TYR D 124 10.34 -0.48 -21.68
CA TYR D 124 11.70 0.04 -21.76
C TYR D 124 11.95 1.11 -20.70
N SER D 125 11.08 2.11 -20.63
CA SER D 125 11.27 3.24 -19.75
C SER D 125 11.36 2.86 -18.29
N GLY D 126 10.60 1.86 -17.86
CA GLY D 126 10.62 1.40 -16.49
C GLY D 126 11.75 0.45 -16.16
N LEU D 127 12.37 -0.18 -17.16
CA LEU D 127 13.33 -1.21 -16.88
C LEU D 127 14.76 -0.82 -17.29
N ARG D 128 14.87 -0.07 -18.39
CA ARG D 128 16.15 0.42 -18.93
C ARG D 128 17.23 -0.66 -18.89
N PRO D 129 16.96 -1.79 -19.57
CA PRO D 129 17.91 -2.90 -19.51
C PRO D 129 19.30 -2.54 -20.08
N ALA D 130 20.33 -3.14 -19.49
CA ALA D 130 21.73 -2.87 -19.78
C ALA D 130 22.11 -3.06 -21.24
N GLU D 131 21.41 -3.95 -21.90
CA GLU D 131 21.64 -4.23 -23.31
C GLU D 131 21.58 -2.97 -24.17
N LEU D 132 20.85 -1.95 -23.73
CA LEU D 132 20.74 -0.73 -24.53
C LEU D 132 21.53 0.44 -23.95
N GLU D 133 22.40 0.18 -22.96
CA GLU D 133 23.04 1.28 -22.20
C GLU D 133 24.08 2.04 -23.01
N ARG D 134 24.53 1.51 -24.14
CA ARG D 134 25.63 2.15 -24.84
C ARG D 134 25.13 3.21 -25.82
N VAL D 135 23.81 3.32 -25.96
CA VAL D 135 23.20 4.36 -26.76
C VAL D 135 22.18 5.10 -25.92
N LYS D 136 21.77 6.25 -26.39
CA LYS D 136 20.55 6.89 -25.85
C LYS D 136 19.35 6.38 -26.61
N VAL D 137 18.33 5.87 -25.90
CA VAL D 137 17.12 5.44 -26.59
C VAL D 137 16.13 6.59 -26.58
N LEU D 138 15.81 7.12 -27.77
CA LEU D 138 14.95 8.31 -27.91
C LEU D 138 13.44 8.02 -27.83
N THR D 139 13.05 6.91 -28.40
CA THR D 139 11.69 6.39 -28.35
C THR D 139 11.76 4.98 -29.00
N MET D 140 10.63 4.25 -28.95
CA MET D 140 10.43 2.91 -29.52
C MET D 140 9.00 2.78 -30.06
N PHE D 141 8.81 1.81 -30.93
CA PHE D 141 7.52 1.53 -31.51
C PHE D 141 7.60 0.15 -32.12
N THR D 142 6.44 -0.33 -32.59
CA THR D 142 6.34 -1.64 -33.26
C THR D 142 5.61 -1.58 -34.58
N SER D 143 5.71 -2.63 -35.36
CA SER D 143 4.86 -2.85 -36.50
C SER D 143 3.46 -3.27 -35.98
N ALA D 144 2.54 -3.51 -36.90
CA ALA D 144 1.24 -4.07 -36.55
C ALA D 144 1.36 -5.59 -36.54
N PRO D 145 0.31 -6.30 -36.13
CA PRO D 145 0.44 -7.76 -36.12
C PRO D 145 0.84 -8.36 -37.47
N SER D 146 1.66 -9.39 -37.41
CA SER D 146 2.15 -10.06 -38.61
C SER D 146 1.07 -10.98 -39.20
N HIS D 147 1.04 -11.02 -40.54
CA HIS D 147 0.21 -11.93 -41.33
C HIS D 147 1.08 -12.52 -42.42
N PHE D 148 0.58 -13.55 -43.10
CA PHE D 148 1.29 -14.09 -44.28
C PHE D 148 0.88 -13.37 -45.56
N MET D 149 1.89 -12.95 -46.33
CA MET D 149 1.69 -12.48 -47.69
C MET D 149 2.42 -13.47 -48.58
N THR D 150 1.71 -14.10 -49.49
CA THR D 150 2.27 -15.23 -50.25
C THR D 150 1.94 -15.18 -51.74
N VAL D 151 2.77 -15.86 -52.53
CA VAL D 151 2.59 -15.87 -53.98
C VAL D 151 1.40 -16.76 -54.39
N THR D 152 1.22 -17.86 -53.67
CA THR D 152 0.09 -18.75 -53.87
C THR D 152 -0.80 -18.76 -52.62
N PRO D 153 -2.07 -19.09 -52.78
CA PRO D 153 -2.97 -19.11 -51.62
C PRO D 153 -2.59 -20.09 -50.51
N VAL D 154 -2.61 -19.61 -49.27
CA VAL D 154 -2.41 -20.47 -48.10
C VAL D 154 -3.69 -20.51 -47.29
N ARG D 155 -4.43 -21.61 -47.39
CA ARG D 155 -5.74 -21.71 -46.77
C ARG D 155 -5.75 -22.63 -45.54
N SER D 156 -4.61 -23.21 -45.24
CA SER D 156 -4.50 -24.06 -44.06
C SER D 156 -3.05 -24.20 -43.65
N LEU D 157 -2.84 -24.72 -42.45
CA LEU D 157 -1.53 -24.89 -41.89
C LEU D 157 -0.73 -25.88 -42.74
N ARG D 158 -1.44 -26.79 -43.39
CA ARG D 158 -0.82 -27.79 -44.26
C ARG D 158 -0.20 -27.15 -45.49
N ASP D 159 -0.83 -26.12 -46.02
CA ASP D 159 -0.32 -25.43 -47.20
C ASP D 159 1.00 -24.73 -46.88
N LEU D 160 1.20 -24.45 -45.61
CA LEU D 160 2.35 -23.70 -45.18
C LEU D 160 3.56 -24.60 -45.06
N GLN D 161 3.35 -25.91 -44.99
CA GLN D 161 4.42 -26.80 -44.59
C GLN D 161 5.53 -26.79 -45.63
N GLY D 162 6.73 -26.39 -45.23
CA GLY D 162 7.86 -26.41 -46.12
C GLY D 162 7.95 -25.19 -47.02
N MET D 163 6.94 -24.32 -46.96
CA MET D 163 6.97 -23.09 -47.74
C MET D 163 8.01 -22.12 -47.19
N GLU D 164 8.85 -21.63 -48.10
CA GLU D 164 9.89 -20.66 -47.76
C GLU D 164 9.25 -19.29 -47.52
N ILE D 165 9.32 -18.83 -46.27
CA ILE D 165 8.72 -17.55 -45.88
C ILE D 165 9.73 -16.68 -45.16
N ARG D 166 9.77 -15.40 -45.53
CA ARG D 166 10.62 -14.45 -44.85
C ARG D 166 10.14 -14.04 -43.46
N GLY D 167 11.10 -13.99 -42.53
CA GLY D 167 10.96 -13.39 -41.22
C GLY D 167 12.29 -12.78 -40.78
N ALA D 168 12.37 -12.36 -39.51
CA ALA D 168 13.65 -12.07 -38.87
C ALA D 168 13.50 -12.32 -37.40
N GLY D 169 14.63 -12.54 -36.73
CA GLY D 169 14.64 -12.76 -35.30
C GLY D 169 13.67 -13.85 -34.85
N THR D 170 12.98 -13.57 -33.74
CA THR D 170 12.03 -14.54 -33.20
C THR D 170 10.86 -14.77 -34.12
N LEU D 171 10.57 -13.84 -35.02
CA LEU D 171 9.52 -14.10 -36.00
C LEU D 171 9.85 -15.30 -36.95
N SER D 172 11.15 -15.47 -37.22
CA SER D 172 11.58 -16.64 -37.98
C SER D 172 11.49 -17.93 -37.16
N ALA D 173 11.78 -17.85 -35.86
CA ALA D 173 11.57 -18.99 -34.94
C ALA D 173 10.09 -19.39 -34.90
N ILE D 174 9.20 -18.41 -34.94
CA ILE D 174 7.77 -18.67 -34.98
C ILE D 174 7.38 -19.42 -36.27
N LEU D 175 7.89 -18.95 -37.40
CA LEU D 175 7.67 -19.59 -38.67
C LEU D 175 8.12 -21.04 -38.63
N GLU D 176 9.28 -21.29 -38.02
CA GLU D 176 9.79 -22.66 -37.92
C GLU D 176 8.82 -23.54 -37.12
N LYS D 177 8.31 -23.04 -36.00
CA LYS D 177 7.37 -23.82 -35.18
C LYS D 177 6.06 -24.08 -35.93
N LEU D 178 5.70 -23.20 -36.86
CA LEU D 178 4.47 -23.39 -37.62
C LEU D 178 4.66 -24.38 -38.77
N GLY D 179 5.90 -24.78 -38.99
CA GLY D 179 6.20 -25.77 -40.01
C GLY D 179 6.61 -25.14 -41.32
N ALA D 180 6.70 -23.80 -41.36
CA ALA D 180 7.23 -23.15 -42.54
C ALA D 180 8.75 -23.26 -42.51
N THR D 181 9.39 -22.99 -43.64
CA THR D 181 10.84 -22.90 -43.73
C THR D 181 11.23 -21.43 -43.68
N PRO D 182 11.76 -20.96 -42.53
CA PRO D 182 12.02 -19.52 -42.47
C PRO D 182 13.28 -19.13 -43.25
N VAL D 183 13.26 -17.92 -43.82
CA VAL D 183 14.45 -17.31 -44.40
C VAL D 183 14.56 -15.91 -43.82
N SER D 184 15.62 -15.68 -43.05
CA SER D 184 15.76 -14.44 -42.30
C SER D 184 16.51 -13.40 -43.08
N MET D 185 15.96 -12.19 -43.09
CA MET D 185 16.56 -11.08 -43.82
C MET D 185 15.87 -9.79 -43.45
N PRO D 186 16.60 -8.69 -43.56
CA PRO D 186 16.00 -7.39 -43.32
C PRO D 186 15.07 -6.99 -44.47
N MET D 187 14.14 -6.09 -44.14
CA MET D 187 13.05 -5.77 -45.05
C MET D 187 13.51 -5.32 -46.44
N PRO D 188 14.55 -4.49 -46.51
CA PRO D 188 14.92 -3.96 -47.84
C PRO D 188 15.31 -5.06 -48.83
N GLU D 189 15.73 -6.22 -48.34
CA GLU D 189 16.11 -7.33 -49.24
C GLU D 189 14.91 -8.17 -49.71
N VAL D 190 13.73 -7.94 -49.15
CA VAL D 190 12.63 -8.88 -49.37
C VAL D 190 12.06 -8.86 -50.81
N PRO D 191 11.87 -7.67 -51.40
CA PRO D 191 11.28 -7.68 -52.74
C PRO D 191 12.06 -8.53 -53.76
N GLU D 192 13.38 -8.36 -53.77
CA GLU D 192 14.30 -9.10 -54.63
C GLU D 192 14.26 -10.60 -54.33
N ALA D 193 14.18 -10.96 -53.05
CA ALA D 193 14.06 -12.37 -52.66
C ALA D 193 12.78 -12.98 -53.21
N VAL D 194 11.69 -12.23 -53.20
CA VAL D 194 10.45 -12.76 -53.76
C VAL D 194 10.60 -12.91 -55.26
N GLN D 195 11.21 -11.90 -55.88
CA GLN D 195 11.33 -11.86 -57.34
C GLN D 195 12.20 -12.98 -57.86
N LYS D 196 13.21 -13.36 -57.08
CA LYS D 196 14.13 -14.43 -57.49
C LYS D 196 13.70 -15.84 -57.04
N GLY D 197 12.61 -15.94 -56.29
CA GLY D 197 12.10 -17.24 -55.90
C GLY D 197 12.77 -17.84 -54.68
N ILE D 198 13.56 -17.03 -54.00
CA ILE D 198 14.23 -17.42 -52.75
C ILE D 198 13.21 -17.64 -51.64
N ILE D 199 12.12 -16.88 -51.69
CA ILE D 199 11.04 -17.03 -50.75
C ILE D 199 9.76 -17.02 -51.55
N LYS D 200 8.72 -17.66 -51.03
CA LYS D 200 7.38 -17.64 -51.62
C LYS D 200 6.39 -16.69 -50.89
N GLY D 201 6.88 -15.98 -49.88
CA GLY D 201 6.04 -15.08 -49.12
C GLY D 201 6.80 -14.40 -47.99
N LEU D 202 6.13 -13.58 -47.22
CA LEU D 202 6.76 -12.89 -46.10
C LEU D 202 5.78 -12.78 -44.96
N PHE D 203 6.33 -12.63 -43.77
CA PHE D 203 5.61 -12.66 -42.51
C PHE D 203 5.88 -11.38 -41.74
N THR D 204 4.96 -10.42 -41.87
CA THR D 204 5.05 -9.13 -41.24
C THR D 204 3.71 -8.41 -41.41
N SER D 205 3.69 -7.11 -41.15
CA SER D 205 2.42 -6.37 -41.20
C SER D 205 2.06 -5.87 -42.63
N LEU D 206 0.79 -5.57 -42.85
CA LEU D 206 0.24 -5.49 -44.19
C LEU D 206 0.41 -4.14 -44.85
N ASP D 207 0.96 -3.17 -44.12
CA ASP D 207 1.31 -1.89 -44.69
C ASP D 207 2.21 -2.03 -45.94
N VAL D 208 3.08 -3.04 -45.95
CA VAL D 208 4.01 -3.20 -47.06
C VAL D 208 3.36 -3.59 -48.37
N MET D 209 2.10 -4.04 -48.32
CA MET D 209 1.38 -4.40 -49.54
C MET D 209 1.31 -3.18 -50.45
N LYS D 210 1.12 -2.01 -49.86
CA LYS D 210 1.12 -0.78 -50.63
C LYS D 210 2.48 -0.10 -50.57
N ASP D 211 3.07 0.02 -49.39
CA ASP D 211 4.24 0.89 -49.22
C ASP D 211 5.48 0.38 -49.95
N MET D 212 5.57 -0.93 -50.15
CA MET D 212 6.62 -1.52 -50.98
C MET D 212 6.07 -2.34 -52.14
N ASN D 213 4.80 -2.10 -52.46
CA ASN D 213 4.12 -2.75 -53.59
C ASN D 213 4.16 -4.28 -53.60
N PHE D 214 4.13 -4.90 -52.43
CA PHE D 214 3.99 -6.36 -52.39
C PHE D 214 2.64 -6.82 -52.94
N ALA D 215 1.67 -5.93 -53.02
CA ALA D 215 0.41 -6.29 -53.65
C ALA D 215 0.67 -6.84 -55.06
N GLU D 216 1.71 -6.35 -55.73
CA GLU D 216 2.04 -6.82 -57.07
C GLU D 216 2.95 -8.05 -57.09
N MET D 217 3.50 -8.44 -55.94
CA MET D 217 4.38 -9.60 -55.90
C MET D 217 3.71 -10.77 -55.20
N THR D 218 2.89 -10.48 -54.21
CA THR D 218 2.26 -11.51 -53.38
C THR D 218 0.78 -11.15 -53.24
N GLY D 219 -0.04 -11.81 -54.04
CA GLY D 219 -1.43 -11.44 -54.23
C GLY D 219 -2.39 -12.13 -53.27
N HIS D 220 -1.82 -12.90 -52.35
CA HIS D 220 -2.60 -13.63 -51.37
C HIS D 220 -2.16 -13.31 -49.95
N VAL D 221 -3.13 -13.10 -49.07
CA VAL D 221 -2.86 -12.79 -47.68
C VAL D 221 -3.60 -13.80 -46.82
N THR D 222 -2.91 -14.34 -45.83
CA THR D 222 -3.57 -15.21 -44.85
C THR D 222 -3.44 -14.61 -43.46
N ARG D 223 -4.58 -14.40 -42.82
CA ARG D 223 -4.62 -13.85 -41.47
C ARG D 223 -3.88 -14.76 -40.46
N ALA D 224 -3.11 -14.15 -39.55
CA ALA D 224 -2.37 -14.89 -38.53
C ALA D 224 -2.42 -14.20 -37.19
N ASP D 225 -2.59 -12.88 -37.18
CA ASP D 225 -2.69 -12.07 -35.96
C ASP D 225 -1.50 -12.37 -35.08
N GLN D 226 -0.34 -12.42 -35.71
CA GLN D 226 0.86 -12.87 -35.03
C GLN D 226 1.67 -11.72 -34.45
N ALA D 227 2.84 -12.08 -33.92
CA ALA D 227 3.70 -11.18 -33.20
C ALA D 227 4.08 -9.96 -34.03
N VAL D 228 4.51 -8.90 -33.35
CA VAL D 228 4.93 -7.66 -34.01
C VAL D 228 6.44 -7.60 -34.05
N TYR D 229 6.99 -6.69 -34.84
CA TYR D 229 8.43 -6.39 -34.82
C TYR D 229 8.68 -5.11 -34.03
N PRO D 230 9.52 -5.16 -32.99
CA PRO D 230 9.84 -3.96 -32.25
C PRO D 230 11.05 -3.18 -32.82
N PHE D 231 11.00 -1.88 -32.65
CA PHE D 231 12.02 -0.97 -33.18
C PHE D 231 12.48 -0.03 -32.05
N ALA D 232 13.71 0.45 -32.17
CA ALA D 232 14.21 1.52 -31.31
C ALA D 232 14.75 2.65 -32.16
N VAL D 233 14.48 3.88 -31.71
CA VAL D 233 15.17 5.05 -32.21
C VAL D 233 16.29 5.38 -31.24
N ILE D 234 17.51 5.27 -31.74
CA ILE D 234 18.69 5.39 -30.92
C ILE D 234 19.56 6.58 -31.30
N MET D 235 20.25 7.13 -30.33
CA MET D 235 21.13 8.25 -30.57
C MET D 235 22.48 7.97 -30.00
N ASN D 236 23.51 8.39 -30.75
CA ASN D 236 24.87 8.37 -30.25
C ASN D 236 24.97 9.02 -28.88
N ARG D 237 25.60 8.33 -27.93
CA ARG D 237 25.63 8.84 -26.55
C ARG D 237 26.30 10.22 -26.45
N GLU D 238 27.42 10.40 -27.14
CA GLU D 238 28.20 11.61 -27.06
C GLU D 238 27.42 12.76 -27.70
N ALA D 239 26.72 12.48 -28.81
CA ALA D 239 25.89 13.48 -29.46
C ALA D 239 24.73 13.91 -28.55
N TRP D 240 24.07 12.94 -27.91
CA TRP D 240 23.02 13.25 -26.93
C TRP D 240 23.56 14.14 -25.79
N GLU D 241 24.73 13.82 -25.26
CA GLU D 241 25.26 14.60 -24.13
C GLU D 241 25.72 16.03 -24.52
N ARG D 242 25.98 16.26 -25.82
CA ARG D 242 26.30 17.63 -26.29
C ARG D 242 25.07 18.52 -26.42
N LEU D 243 23.87 17.94 -26.35
CA LEU D 243 22.64 18.72 -26.48
C LEU D 243 22.41 19.48 -25.19
N SER D 244 21.83 20.67 -25.30
CA SER D 244 21.56 21.48 -24.11
C SER D 244 20.44 20.80 -23.32
N PRO D 245 20.38 21.03 -22.00
CA PRO D 245 19.34 20.41 -21.17
C PRO D 245 17.95 20.74 -21.67
N ASP D 246 17.74 21.96 -22.18
CA ASP D 246 16.41 22.35 -22.66
C ASP D 246 16.02 21.52 -23.89
N VAL D 247 17.00 21.21 -24.71
CA VAL D 247 16.73 20.38 -25.87
C VAL D 247 16.51 18.92 -25.49
N GLN D 248 17.34 18.42 -24.59
CA GLN D 248 17.13 17.07 -24.09
C GLN D 248 15.71 16.88 -23.54
N GLN D 249 15.23 17.88 -22.81
CA GLN D 249 13.91 17.86 -22.24
C GLN D 249 12.85 17.77 -23.29
N VAL D 250 13.06 18.47 -24.41
CA VAL D 250 12.11 18.39 -25.51
C VAL D 250 12.07 17.00 -26.15
N LEU D 251 13.24 16.44 -26.46
CA LEU D 251 13.29 15.10 -27.05
C LEU D 251 12.72 14.04 -26.10
N ASP D 252 13.02 14.11 -24.80
CA ASP D 252 12.46 13.17 -23.83
C ASP D 252 10.94 13.38 -23.71
N GLY D 253 10.50 14.63 -23.75
CA GLY D 253 9.10 14.95 -23.64
C GLY D 253 8.28 14.52 -24.85
N LEU D 254 8.96 14.24 -25.96
CA LEU D 254 8.31 13.78 -27.19
C LEU D 254 8.10 12.24 -27.23
N ALA D 255 8.86 11.52 -26.43
CA ALA D 255 9.05 10.09 -26.67
C ALA D 255 7.78 9.25 -26.62
N ALA D 256 7.00 9.39 -25.54
CA ALA D 256 5.81 8.55 -25.36
C ALA D 256 4.70 8.88 -26.37
N GLU D 257 4.46 10.18 -26.59
CA GLU D 257 3.43 10.64 -27.54
C GLU D 257 3.77 10.10 -28.90
N HIS D 258 5.08 10.08 -29.21
CA HIS D 258 5.50 9.64 -30.53
C HIS D 258 5.40 8.11 -30.74
N ALA D 259 5.69 7.36 -29.70
CA ALA D 259 5.45 5.92 -29.76
C ALA D 259 3.99 5.62 -30.11
N ALA D 260 3.05 6.21 -29.36
CA ALA D 260 1.62 6.06 -29.65
C ALA D 260 1.27 6.56 -31.05
N TRP D 261 1.79 7.71 -31.43
CA TRP D 261 1.50 8.30 -32.74
C TRP D 261 1.86 7.35 -33.86
N THR D 262 3.03 6.75 -33.72
CA THR D 262 3.54 5.87 -34.76
C THR D 262 2.64 4.67 -34.94
N GLY D 263 2.28 4.05 -33.82
CA GLY D 263 1.39 2.89 -33.87
C GLY D 263 0.00 3.24 -34.37
N ARG D 264 -0.50 4.39 -33.94
CA ARG D 264 -1.81 4.88 -34.41
C ARG D 264 -1.82 5.18 -35.92
N TYR D 265 -0.78 5.83 -36.42
CA TYR D 265 -0.58 6.03 -37.86
C TYR D 265 -0.59 4.65 -38.56
N LEU D 266 0.16 3.70 -38.02
CA LEU D 266 0.33 2.44 -38.73
C LEU D 266 -0.97 1.64 -38.76
N ASP D 267 -1.71 1.63 -37.65
CA ASP D 267 -2.97 0.89 -37.64
C ASP D 267 -3.92 1.40 -38.72
N ALA D 268 -4.05 2.72 -38.84
CA ALA D 268 -4.90 3.29 -39.88
C ALA D 268 -4.35 2.98 -41.25
N HIS D 269 -3.03 3.06 -41.41
CA HIS D 269 -2.43 2.95 -42.73
C HIS D 269 -2.49 1.50 -43.26
N VAL D 270 -2.43 0.52 -42.36
CA VAL D 270 -2.64 -0.88 -42.73
C VAL D 270 -3.99 -1.07 -43.42
N GLN D 271 -5.02 -0.42 -42.88
CA GLN D 271 -6.36 -0.51 -43.45
C GLN D 271 -6.39 0.14 -44.82
N ASP D 272 -5.78 1.32 -44.94
CA ASP D 272 -5.74 2.01 -46.22
C ASP D 272 -4.97 1.16 -47.21
N SER D 273 -3.89 0.55 -46.75
CA SER D 273 -3.06 -0.26 -47.63
C SER D 273 -3.80 -1.49 -48.16
N MET D 274 -4.55 -2.17 -47.30
CA MET D 274 -5.27 -3.36 -47.71
C MET D 274 -6.50 -3.05 -48.57
N ARG D 275 -7.14 -1.91 -48.31
CA ARG D 275 -8.25 -1.44 -49.13
C ARG D 275 -7.74 -1.22 -50.56
N TRP D 276 -6.65 -0.47 -50.67
CA TRP D 276 -5.96 -0.27 -51.96
C TRP D 276 -5.61 -1.59 -52.63
N ALA D 277 -4.92 -2.47 -51.91
CA ALA D 277 -4.47 -3.75 -52.45
C ALA D 277 -5.63 -4.60 -52.95
N GLU D 278 -6.74 -4.59 -52.24
CA GLU D 278 -7.87 -5.45 -52.57
C GLU D 278 -8.69 -4.94 -53.74
N GLU D 279 -9.01 -3.66 -53.74
CA GLU D 279 -9.94 -3.16 -54.74
C GLU D 279 -9.24 -2.62 -55.98
N LYS D 280 -7.93 -2.40 -55.88
CA LYS D 280 -7.15 -1.97 -57.03
C LYS D 280 -6.16 -3.01 -57.58
N HIS D 281 -5.91 -4.09 -56.83
CA HIS D 281 -4.95 -5.10 -57.30
C HIS D 281 -5.36 -6.55 -57.08
N GLY D 282 -6.64 -6.77 -56.81
CA GLY D 282 -7.19 -8.12 -56.78
C GLY D 282 -6.65 -9.02 -55.69
N VAL D 283 -6.09 -8.43 -54.62
CA VAL D 283 -5.55 -9.21 -53.50
C VAL D 283 -6.68 -9.95 -52.78
N GLN D 284 -6.44 -11.22 -52.48
CA GLN D 284 -7.41 -12.08 -51.82
C GLN D 284 -6.91 -12.36 -50.41
N VAL D 285 -7.82 -12.36 -49.44
CA VAL D 285 -7.48 -12.60 -48.04
C VAL D 285 -8.11 -13.92 -47.58
N HIS D 286 -7.31 -14.79 -46.97
CA HIS D 286 -7.83 -16.08 -46.54
C HIS D 286 -7.74 -16.20 -45.04
N THR D 287 -8.61 -17.02 -44.47
CA THR D 287 -8.63 -17.21 -43.03
C THR D 287 -8.44 -18.67 -42.70
N LEU D 288 -7.57 -18.94 -41.74
CA LEU D 288 -7.30 -20.32 -41.32
C LEU D 288 -8.46 -20.86 -40.49
N PRO D 289 -8.66 -22.18 -40.52
CA PRO D 289 -9.69 -22.78 -39.66
C PRO D 289 -9.30 -22.73 -38.17
N GLU D 290 -10.32 -22.69 -37.31
CA GLU D 290 -10.14 -22.68 -35.86
C GLU D 290 -9.13 -23.74 -35.39
N GLU D 291 -9.23 -24.94 -35.94
CA GLU D 291 -8.40 -26.06 -35.49
C GLU D 291 -6.92 -25.79 -35.76
N ASP D 292 -6.63 -25.12 -36.88
CA ASP D 292 -5.28 -24.81 -37.26
C ASP D 292 -4.74 -23.66 -36.40
N ILE D 293 -5.59 -22.66 -36.16
CA ILE D 293 -5.22 -21.55 -35.29
C ILE D 293 -4.87 -22.05 -33.90
N ALA D 294 -5.63 -23.01 -33.41
CA ALA D 294 -5.38 -23.57 -32.11
C ALA D 294 -4.02 -24.24 -32.09
N ALA D 295 -3.71 -24.97 -33.16
CA ALA D 295 -2.46 -25.75 -33.20
C ALA D 295 -1.26 -24.84 -33.35
N MET D 296 -1.45 -23.74 -34.06
CA MET D 296 -0.39 -22.78 -34.19
C MET D 296 -0.06 -22.23 -32.80
N ARG D 297 -1.10 -21.87 -32.05
CA ARG D 297 -0.95 -21.32 -30.71
C ARG D 297 -0.12 -22.25 -29.80
N ARG D 298 -0.45 -23.52 -29.75
CA ARG D 298 0.35 -24.40 -28.91
C ARG D 298 1.76 -24.62 -29.48
N SER D 299 1.92 -24.59 -30.80
CA SER D 299 3.24 -24.88 -31.37
C SER D 299 4.29 -23.83 -30.99
N VAL D 300 3.84 -22.60 -30.72
CA VAL D 300 4.75 -21.50 -30.43
C VAL D 300 5.12 -21.39 -28.95
N GLN D 301 4.39 -22.07 -28.08
CA GLN D 301 4.53 -21.84 -26.63
C GLN D 301 5.96 -22.05 -26.10
N PRO D 302 6.67 -23.04 -26.62
CA PRO D 302 8.08 -23.27 -26.23
C PRO D 302 9.00 -22.07 -26.46
N LEU D 303 8.62 -21.13 -27.32
CA LEU D 303 9.46 -19.97 -27.55
C LEU D 303 9.52 -19.05 -26.32
N PHE D 304 8.48 -19.03 -25.50
CA PHE D 304 8.51 -18.21 -24.29
C PHE D 304 9.62 -18.66 -23.34
N ASP D 305 9.66 -19.97 -23.14
CA ASP D 305 10.67 -20.61 -22.32
C ASP D 305 12.08 -20.32 -22.82
N ALA D 306 12.29 -20.45 -24.11
CA ALA D 306 13.59 -20.19 -24.70
C ALA D 306 13.98 -18.73 -24.49
N TRP D 307 13.03 -17.80 -24.69
CA TRP D 307 13.30 -16.39 -24.43
C TRP D 307 13.67 -16.18 -22.96
N ALA D 308 12.91 -16.80 -22.05
CA ALA D 308 13.16 -16.63 -20.61
C ALA D 308 14.53 -17.16 -20.20
N GLN D 309 14.93 -18.29 -20.80
CA GLN D 309 16.22 -18.91 -20.49
C GLN D 309 17.36 -17.98 -20.83
N ARG D 310 17.31 -17.43 -22.04
CA ARG D 310 18.33 -16.52 -22.51
C ARG D 310 18.33 -15.25 -21.68
N ALA D 311 17.15 -14.72 -21.33
CA ALA D 311 17.08 -13.51 -20.53
C ALA D 311 17.72 -13.74 -19.16
N ALA D 312 17.37 -14.84 -18.50
CA ALA D 312 17.92 -15.12 -17.19
C ALA D 312 19.42 -15.32 -17.25
N ASP D 313 19.90 -15.91 -18.35
CA ASP D 313 21.33 -16.15 -18.57
C ASP D 313 22.05 -14.80 -18.55
N LYS D 314 21.33 -13.75 -18.89
CA LYS D 314 21.89 -12.40 -18.95
C LYS D 314 21.58 -11.57 -17.72
N GLY D 315 21.11 -12.21 -16.66
CA GLY D 315 20.90 -11.54 -15.38
C GLY D 315 19.55 -10.86 -15.19
N ALA D 316 18.66 -11.02 -16.15
CA ALA D 316 17.32 -10.43 -16.04
C ALA D 316 16.38 -11.40 -15.34
N ASP D 317 15.17 -10.92 -15.07
CA ASP D 317 14.12 -11.67 -14.38
C ASP D 317 12.96 -11.81 -15.37
N PRO D 318 12.99 -12.84 -16.19
CA PRO D 318 11.98 -12.89 -17.26
C PRO D 318 10.54 -13.06 -16.76
N ASP D 319 10.29 -13.71 -15.63
CA ASP D 319 8.90 -13.80 -15.16
C ASP D 319 8.36 -12.41 -14.73
N ALA D 320 9.21 -11.60 -14.10
CA ALA D 320 8.81 -10.28 -13.68
C ALA D 320 8.61 -9.37 -14.89
N VAL D 321 9.46 -9.54 -15.89
CA VAL D 321 9.30 -8.78 -17.15
C VAL D 321 7.98 -9.13 -17.83
N MET D 322 7.64 -10.42 -17.87
CA MET D 322 6.39 -10.82 -18.51
C MET D 322 5.16 -10.36 -17.71
N ARG D 323 5.28 -10.34 -16.39
CA ARG D 323 4.20 -9.80 -15.57
C ARG D 323 3.97 -8.33 -15.90
N THR D 324 5.06 -7.59 -16.05
CA THR D 324 5.00 -6.18 -16.36
C THR D 324 4.34 -5.96 -17.72
N VAL D 325 4.76 -6.75 -18.68
CA VAL D 325 4.12 -6.72 -19.99
C VAL D 325 2.61 -6.98 -19.89
N ASP D 326 2.20 -8.04 -19.21
CA ASP D 326 0.77 -8.35 -19.02
C ASP D 326 0.03 -7.19 -18.34
N ALA D 327 0.65 -6.58 -17.35
CA ALA D 327 0.00 -5.49 -16.62
C ALA D 327 -0.14 -4.24 -17.52
N LEU D 328 0.95 -3.88 -18.19
CA LEU D 328 0.95 -2.70 -19.06
C LEU D 328 -0.03 -2.91 -20.20
N LYS D 329 -0.04 -4.10 -20.78
CA LYS D 329 -0.98 -4.45 -21.83
C LYS D 329 -2.44 -4.23 -21.39
N ALA D 330 -2.76 -4.71 -20.21
CA ALA D 330 -4.10 -4.54 -19.65
C ALA D 330 -4.38 -3.06 -19.46
N GLN D 331 -3.48 -2.36 -18.80
CA GLN D 331 -3.68 -0.96 -18.48
C GLN D 331 -3.85 -0.07 -19.73
N TYR D 332 -3.03 -0.30 -20.73
CA TYR D 332 -3.01 0.51 -21.94
C TYR D 332 -3.97 0.03 -23.04
N GLY D 333 -4.83 -0.92 -22.71
CA GLY D 333 -5.92 -1.32 -23.59
C GLY D 333 -5.48 -2.19 -24.74
N GLY D 334 -4.36 -2.87 -24.56
CA GLY D 334 -3.85 -3.82 -25.54
C GLY D 334 -4.56 -5.15 -25.47
CAO 3IO E . 10.84 12.40 7.78
CAG 3IO E . 9.51 12.02 7.98
CAE 3IO E . 9.21 11.07 8.96
CAD 3IO E . 10.24 10.51 9.71
CAF 3IO E . 11.56 10.90 9.55
CAN 3IO E . 11.86 11.84 8.54
NAJ 3IO E . 13.03 12.38 8.18
CAH 3IO E . 12.82 13.28 7.21
CAM 3IO E . 11.48 13.35 6.90
CAI 3IO E . 10.83 14.18 5.83
CAL 3IO E . 10.19 13.28 4.83
OAB 3IO E . 10.83 12.69 3.97
CAK 3IO E . 8.73 13.08 4.91
OAC 3IO E . 8.24 12.04 4.39
OAA 3IO E . 8.03 13.96 5.50
HAG 3IO E . 8.80 12.41 7.44
HAE 3IO E . 8.29 10.79 9.10
HAD 3IO E . 10.02 9.87 10.40
HAF 3IO E . 12.26 10.50 10.08
HNAJ 3IO E . 13.83 12.17 8.55
HAH 3IO E . 13.53 13.78 6.76
HAI1 3IO E . 11.52 14.71 5.40
HAI2 3IO E . 10.17 14.76 6.23
C1 EDO F . 33.90 6.63 -1.99
O1 EDO F . 32.67 6.81 -2.73
C2 EDO F . 33.60 5.94 -0.66
O2 EDO F . 32.69 6.76 0.12
C1 EDO G . 11.86 23.42 23.11
O1 EDO G . 10.88 22.44 23.42
C2 EDO G . 12.22 24.26 24.34
O2 EDO G . 12.87 23.39 25.27
CAO 3IO H . -21.76 0.39 -6.21
CAG 3IO H . -21.92 -0.15 -4.92
CAE 3IO H . -23.21 -0.13 -4.33
CAD 3IO H . -24.31 0.35 -5.04
CAF 3IO H . -24.14 0.86 -6.33
CAN 3IO H . -22.86 0.87 -6.90
NAJ 3IO H . -22.44 1.32 -8.11
CAH 3IO H . -21.12 1.10 -8.24
CAM 3IO H . -20.65 0.53 -7.09
CAI 3IO H . -19.23 0.17 -6.76
CAL 3IO H . -18.71 0.96 -5.61
OAB 3IO H . -18.42 2.16 -5.66
CAK 3IO H . -18.60 0.27 -4.30
OAC 3IO H . -18.56 -0.99 -4.26
OAA 3IO H . -18.62 0.98 -3.26
HAG 3IO H . -21.15 -0.47 -4.43
HAE 3IO H . -23.33 -0.50 -3.45
HAD 3IO H . -25.19 0.34 -4.63
HAF 3IO H . -24.90 1.20 -6.82
HNAJ 3IO H . -22.98 1.67 -8.76
HAH 3IO H . -20.59 1.35 -9.01
HAI1 3IO H . -18.67 0.35 -7.55
HAI2 3IO H . -19.18 -0.77 -6.55
C1 EDO I . -29.72 -15.75 -16.10
O1 EDO I . -30.93 -15.01 -16.38
C2 EDO I . -28.87 -14.98 -15.08
O2 EDO I . -29.74 -14.62 -13.99
H11 EDO I . -29.98 -16.73 -15.69
H12 EDO I . -29.16 -15.90 -17.03
HO1 EDO I . -31.47 -15.50 -17.02
H21 EDO I . -28.46 -14.08 -15.54
H22 EDO I . -28.05 -15.60 -14.72
HO2 EDO I . -29.25 -14.13 -13.32
CAO 3IO J . -0.78 -9.88 30.62
CAG 3IO J . 0.59 -9.59 30.47
CAE 3IO J . 0.98 -8.64 29.53
CAD 3IO J . 0.02 -7.97 28.75
CAF 3IO J . -1.33 -8.27 28.88
CAN 3IO J . -1.72 -9.23 29.83
NAJ 3IO J . -2.94 -9.69 30.17
CAH 3IO J . -2.85 -10.60 31.12
CAM 3IO J . -1.51 -10.77 31.46
CAI 3IO J . -0.97 -11.70 32.48
CAL 3IO J . -0.07 -12.74 31.92
OAB 3IO J . -0.55 -13.72 31.33
CAK 3IO J . 1.39 -12.54 32.06
OAC 3IO J . 2.17 -13.10 31.23
OAA 3IO J . 1.84 -11.78 32.96
HAG 3IO J . 1.26 -10.04 31.01
HAE 3IO J . 1.92 -8.43 29.43
HAD 3IO J . 0.29 -7.32 28.09
HAF 3IO J . -1.99 -7.81 28.35
HNAJ 3IO J . -3.72 -9.40 29.79
HAH 3IO J . -3.59 -11.08 31.53
HAI1 3IO J . -0.49 -11.20 33.14
HAI2 3IO J . -1.72 -12.16 32.89
C1 EDO K . -5.97 7.45 40.44
O1 EDO K . -6.86 7.80 39.39
C2 EDO K . -5.35 6.07 40.11
O2 EDO K . -4.47 6.15 38.97
H11 EDO K . -5.18 8.19 40.55
H12 EDO K . -6.52 7.38 41.39
HO1 EDO K . -7.25 8.66 39.57
H21 EDO K . -6.15 5.36 39.91
H22 EDO K . -4.80 5.71 40.97
HO2 EDO K . -4.10 5.27 38.78
C1 EDO L . -2.26 -23.23 52.09
O1 EDO L . -2.45 -24.66 52.03
C2 EDO L . -1.55 -22.83 53.38
O2 EDO L . -2.41 -23.16 54.50
CAO 3IO M . 8.81 -3.04 -41.57
CAG 3IO M . 10.16 -2.77 -41.70
CAE 3IO M . 10.59 -1.83 -42.62
CAD 3IO M . 9.67 -1.15 -43.42
CAF 3IO M . 8.31 -1.41 -43.30
CAN 3IO M . 7.88 -2.37 -42.36
NAJ 3IO M . 6.63 -2.82 -42.05
CAH 3IO M . 6.72 -3.73 -41.08
CAM 3IO M . 8.05 -3.91 -40.74
CAI 3IO M . 8.60 -4.83 -39.72
CAL 3IO M . 9.53 -5.87 -40.26
OAB 3IO M . 9.08 -6.83 -40.89
CAK 3IO M . 10.99 -5.69 -40.01
OAC 3IO M . 11.86 -6.22 -40.78
OAA 3IO M . 11.38 -4.98 -39.05
HAG 3IO M . 10.81 -3.23 -41.14
HAE 3IO M . 11.53 -1.63 -42.72
HAD 3IO M . 9.98 -0.50 -44.06
HAF 3IO M . 7.66 -0.95 -43.86
HNAJ 3IO M . 5.87 -2.52 -42.44
HAH 3IO M . 5.97 -4.20 -40.70
HAI1 3IO M . 7.85 -5.29 -39.29
HAI2 3IO M . 9.07 -4.32 -39.05
C1 EDO N . 3.23 13.87 -31.62
O1 EDO N . 2.78 14.66 -32.73
C2 EDO N . 3.99 12.66 -32.13
O2 EDO N . 5.16 13.13 -32.81
H11 EDO N . 3.87 14.47 -30.97
H12 EDO N . 2.36 13.54 -31.02
HO1 EDO N . 2.29 15.44 -32.41
H21 EDO N . 3.36 12.09 -32.82
H22 EDO N . 4.27 12.01 -31.29
HO2 EDO N . 5.66 12.38 -33.14
#